data_4NRD
#
_entry.id   4NRD
#
_cell.length_a   70.941
_cell.length_b   70.895
_cell.length_c   76.618
_cell.angle_alpha   88.780
_cell.angle_beta   84.700
_cell.angle_gamma   60.130
#
_symmetry.space_group_name_H-M   'P 1'
#
loop_
_entity.id
_entity.type
_entity.pdbx_description
1 polymer 'Uncharacterized protein'
2 non-polymer 1,2-ETHANEDIOL
3 water water
#
_entity_poly.entity_id   1
_entity_poly.type   'polypeptide(L)'
_entity_poly.pdbx_seq_one_letter_code
;(MSE)GSDKIHHHHHHENLYFQGQSLKSISILGDSYSTFEGYLQPDTNSIWYYVSPRQQTDVTSVKQTWWHKFIKENNYR
LCVNNSFSGATICNTGYNQADYSDRSFITR(MSE)DKLGCPDIIFIFGATNDCWAGSPLGDYKYEGWTKEDLYTFRPA
(MSE)AYLLDH(MSE)IDRYPNVEIYFLLNSGLKEEFNESVRAICNHYNIDCIELHDIDKKSGHPSIKG(MSE)EQISEQ
IK(MSE)F(MSE)RKTK
;
_entity_poly.pdbx_strand_id   A,B,C,D,E,F
#
# COMPACT_ATOMS: atom_id res chain seq x y z
N GLN A 20 31.99 -19.10 -21.08
CA GLN A 20 30.59 -19.57 -21.14
C GLN A 20 29.67 -18.39 -21.44
N SER A 21 29.86 -17.23 -20.78
CA SER A 21 29.04 -16.03 -21.04
C SER A 21 29.21 -15.50 -22.50
N LEU A 22 28.12 -15.37 -23.24
CA LEU A 22 28.09 -14.94 -24.65
C LEU A 22 28.22 -13.45 -24.77
N LYS A 23 28.95 -12.98 -25.79
CA LYS A 23 29.11 -11.55 -26.06
C LYS A 23 27.75 -10.88 -26.37
N SER A 24 27.55 -9.64 -25.92
CA SER A 24 26.33 -8.86 -26.14
CA SER A 24 26.31 -8.90 -26.17
C SER A 24 26.58 -7.79 -27.22
N ILE A 25 25.54 -7.42 -27.97
CA ILE A 25 25.64 -6.42 -29.05
C ILE A 25 24.64 -5.28 -28.84
N SER A 26 25.09 -4.03 -28.98
CA SER A 26 24.26 -2.83 -28.98
C SER A 26 24.28 -2.22 -30.41
N ILE A 27 23.18 -1.55 -30.78
CA ILE A 27 23.04 -0.92 -32.07
C ILE A 27 22.78 0.57 -31.87
N LEU A 28 23.43 1.42 -32.68
CA LEU A 28 23.23 2.86 -32.71
C LEU A 28 22.79 3.10 -34.11
N GLY A 29 21.49 3.13 -34.33
CA GLY A 29 20.95 3.14 -35.69
C GLY A 29 19.98 4.25 -35.97
N ASP A 30 19.35 4.09 -37.12
CA ASP A 30 18.39 5.00 -37.68
C ASP A 30 17.10 4.18 -37.94
N SER A 31 16.24 4.60 -38.88
CA SER A 31 15.01 3.90 -39.30
C SER A 31 15.19 2.37 -39.50
N TYR A 32 16.30 1.96 -40.16
CA TYR A 32 16.62 0.56 -40.57
C TYR A 32 16.83 -0.39 -39.39
N SER A 33 17.14 0.09 -38.16
CA SER A 33 17.40 -0.73 -36.98
C SER A 33 16.35 -0.57 -35.90
N THR A 34 15.24 0.11 -36.23
CA THR A 34 14.17 0.28 -35.27
C THR A 34 13.20 -0.90 -35.33
N PHE A 35 12.49 -1.10 -34.24
CA PHE A 35 11.39 -2.02 -34.15
C PHE A 35 10.60 -1.67 -32.90
N GLU A 36 9.28 -1.48 -33.06
CA GLU A 36 8.36 -1.15 -31.98
C GLU A 36 8.59 -2.00 -30.74
N GLY A 37 8.88 -1.35 -29.61
CA GLY A 37 9.07 -2.00 -28.32
C GLY A 37 10.48 -2.48 -27.99
N TYR A 38 11.47 -2.29 -28.88
CA TYR A 38 12.85 -2.75 -28.69
C TYR A 38 13.84 -1.58 -28.66
N LEU A 39 13.36 -0.33 -28.53
CA LEU A 39 14.20 0.87 -28.54
C LEU A 39 14.42 1.43 -27.15
N GLN A 40 15.65 1.84 -26.84
CA GLN A 40 16.00 2.52 -25.61
C GLN A 40 16.69 3.84 -25.96
N PRO A 41 16.19 5.00 -25.50
CA PRO A 41 14.97 5.20 -24.68
C PRO A 41 13.73 4.85 -25.49
N ASP A 42 12.66 4.44 -24.80
CA ASP A 42 11.40 4.04 -25.44
C ASP A 42 10.68 5.19 -26.17
N THR A 43 11.13 6.45 -25.99
CA THR A 43 10.55 7.60 -26.66
C THR A 43 11.14 7.80 -28.08
N ASN A 44 12.14 6.99 -28.52
CA ASN A 44 12.72 7.10 -29.89
C ASN A 44 11.68 6.83 -30.99
N SER A 45 11.83 7.52 -32.14
CA SER A 45 10.89 7.34 -33.25
C SER A 45 11.09 5.96 -33.91
N ILE A 46 10.00 5.29 -34.20
CA ILE A 46 9.99 3.96 -34.76
C ILE A 46 9.60 4.00 -36.23
N TRP A 47 10.23 3.16 -37.06
CA TRP A 47 9.79 2.99 -38.46
C TRP A 47 9.04 1.67 -38.60
N TYR A 48 9.59 0.57 -38.05
CA TYR A 48 8.98 -0.77 -38.14
C TYR A 48 8.06 -1.07 -36.95
N TYR A 49 6.74 -1.18 -37.22
CA TYR A 49 5.72 -1.54 -36.25
C TYR A 49 5.30 -2.98 -36.48
N VAL A 50 4.66 -3.57 -35.44
CA VAL A 50 4.16 -4.95 -35.50
C VAL A 50 3.11 -5.00 -36.61
N SER A 51 2.15 -4.07 -36.58
CA SER A 51 1.14 -3.87 -37.61
C SER A 51 1.69 -2.73 -38.45
N PRO A 52 2.28 -2.97 -39.66
CA PRO A 52 2.97 -1.88 -40.36
C PRO A 52 2.15 -0.63 -40.67
N ARG A 53 2.77 0.53 -40.39
CA ARG A 53 2.21 1.86 -40.66
C ARG A 53 2.58 2.27 -42.10
N GLN A 54 3.81 1.96 -42.52
CA GLN A 54 4.30 2.18 -43.90
C GLN A 54 4.15 0.89 -44.72
N GLN A 55 4.21 0.98 -46.07
CA GLN A 55 4.12 -0.22 -46.93
C GLN A 55 5.45 -1.01 -46.87
N THR A 56 5.46 -2.07 -46.05
CA THR A 56 6.60 -2.98 -45.87
C THR A 56 6.04 -4.37 -45.59
N ASP A 57 6.83 -5.41 -45.87
CA ASP A 57 6.38 -6.78 -45.59
C ASP A 57 6.91 -7.23 -44.20
N VAL A 58 7.85 -6.44 -43.56
CA VAL A 58 8.41 -6.78 -42.24
C VAL A 58 7.36 -6.52 -41.13
N THR A 59 7.04 -7.53 -40.31
CA THR A 59 6.06 -7.40 -39.24
C THR A 59 6.56 -7.93 -37.88
N SER A 60 7.78 -8.48 -37.82
CA SER A 60 8.30 -9.07 -36.61
C SER A 60 9.77 -8.65 -36.37
N VAL A 61 10.14 -8.54 -35.08
CA VAL A 61 11.51 -8.26 -34.67
C VAL A 61 12.44 -9.41 -35.11
N LYS A 62 11.92 -10.62 -35.25
CA LYS A 62 12.68 -11.80 -35.67
C LYS A 62 13.19 -11.63 -37.12
N GLN A 63 12.54 -10.78 -37.93
CA GLN A 63 12.93 -10.52 -39.32
C GLN A 63 13.95 -9.39 -39.47
N THR A 64 14.24 -8.60 -38.42
CA THR A 64 15.20 -7.51 -38.52
C THR A 64 16.62 -8.06 -38.66
N TRP A 65 17.47 -7.29 -39.39
CA TRP A 65 18.87 -7.66 -39.67
C TRP A 65 19.62 -7.91 -38.36
N TRP A 66 19.39 -7.08 -37.33
CA TRP A 66 20.10 -7.12 -36.07
C TRP A 66 19.63 -8.30 -35.18
N HIS A 67 18.34 -8.55 -35.08
CA HIS A 67 17.85 -9.70 -34.28
C HIS A 67 18.35 -11.01 -34.92
N LYS A 68 18.29 -11.08 -36.26
CA LYS A 68 18.74 -12.23 -37.04
C LYS A 68 20.21 -12.52 -36.81
N PHE A 69 21.08 -11.50 -36.99
CA PHE A 69 22.51 -11.63 -36.79
C PHE A 69 22.80 -12.06 -35.35
N ILE A 70 22.19 -11.37 -34.36
CA ILE A 70 22.45 -11.64 -32.93
C ILE A 70 22.00 -13.07 -32.57
N LYS A 71 20.76 -13.44 -32.93
CA LYS A 71 20.23 -14.75 -32.58
C LYS A 71 20.99 -15.89 -33.27
N GLU A 72 21.24 -15.77 -34.55
CA GLU A 72 21.87 -16.83 -35.34
C GLU A 72 23.38 -16.99 -35.13
N ASN A 73 24.10 -15.94 -34.68
CA ASN A 73 25.54 -16.06 -34.43
C ASN A 73 25.87 -16.19 -32.93
N ASN A 74 24.90 -16.67 -32.13
CA ASN A 74 25.07 -16.98 -30.70
C ASN A 74 25.54 -15.76 -29.84
N TYR A 75 24.88 -14.61 -30.04
CA TYR A 75 25.10 -13.39 -29.27
C TYR A 75 23.86 -13.03 -28.47
N ARG A 76 24.02 -12.06 -27.57
CA ARG A 76 22.94 -11.49 -26.77
C ARG A 76 22.65 -10.07 -27.26
N LEU A 77 21.43 -9.61 -26.99
CA LEU A 77 21.05 -8.24 -27.34
C LEU A 77 21.33 -7.35 -26.13
N CYS A 78 22.02 -6.20 -26.31
CA CYS A 78 22.28 -5.30 -25.19
C CYS A 78 21.32 -4.13 -25.32
N VAL A 79 21.67 -3.06 -26.01
CA VAL A 79 20.78 -1.90 -26.17
C VAL A 79 20.64 -1.58 -27.66
N ASN A 80 19.42 -1.35 -28.10
CA ASN A 80 19.19 -0.88 -29.46
C ASN A 80 18.77 0.58 -29.34
N ASN A 81 19.71 1.50 -29.58
CA ASN A 81 19.40 2.92 -29.54
C ASN A 81 19.29 3.39 -30.98
N SER A 82 18.14 3.18 -31.58
CA SER A 82 17.90 3.60 -32.96
C SER A 82 16.74 4.56 -32.96
N PHE A 83 16.78 5.53 -33.85
CA PHE A 83 15.80 6.61 -33.93
C PHE A 83 15.49 6.86 -35.39
N SER A 84 14.24 6.66 -35.77
CA SER A 84 13.83 6.80 -37.17
C SER A 84 14.05 8.23 -37.71
N GLY A 85 14.80 8.31 -38.79
CA GLY A 85 15.11 9.56 -39.46
C GLY A 85 16.22 10.38 -38.83
N ALA A 86 16.99 9.78 -37.90
CA ALA A 86 18.07 10.49 -37.22
C ALA A 86 19.31 10.57 -38.10
N THR A 87 20.02 11.68 -38.05
CA THR A 87 21.24 11.93 -38.82
C THR A 87 22.45 11.73 -37.95
N ILE A 88 23.60 11.46 -38.54
CA ILE A 88 24.87 11.37 -37.79
C ILE A 88 25.23 12.75 -37.23
N CYS A 89 25.15 13.81 -38.06
CA CYS A 89 25.41 15.19 -37.67
C CYS A 89 24.13 15.85 -37.17
N ASN A 90 24.23 17.11 -36.71
CA ASN A 90 23.14 17.86 -36.12
C ASN A 90 22.30 18.66 -37.12
N THR A 91 22.50 18.51 -38.45
CA THR A 91 21.63 19.12 -39.48
C THR A 91 20.72 18.03 -40.06
N GLY A 92 19.41 18.22 -39.92
CA GLY A 92 18.42 17.29 -40.43
C GLY A 92 17.77 17.74 -41.72
N TYR A 93 16.57 17.19 -41.99
CA TYR A 93 15.78 17.50 -43.18
C TYR A 93 15.32 18.96 -43.14
N ASN A 94 15.40 19.65 -44.30
CA ASN A 94 15.03 21.07 -44.44
C ASN A 94 15.88 21.97 -43.50
N GLN A 95 17.17 21.62 -43.32
CA GLN A 95 18.14 22.34 -42.49
C GLN A 95 17.70 22.51 -41.01
N ALA A 96 16.84 21.59 -40.51
CA ALA A 96 16.37 21.63 -39.13
C ALA A 96 17.46 21.18 -38.17
N ASP A 97 17.42 21.67 -36.92
CA ASP A 97 18.39 21.30 -35.89
C ASP A 97 18.02 19.95 -35.31
N TYR A 98 18.84 18.91 -35.56
CA TYR A 98 18.62 17.52 -35.11
C TYR A 98 19.55 17.18 -33.92
N SER A 99 19.96 18.19 -33.12
CA SER A 99 20.83 17.98 -31.97
C SER A 99 20.20 17.05 -30.92
N ASP A 100 18.85 17.03 -30.82
CA ASP A 100 18.13 16.20 -29.86
C ASP A 100 18.16 14.69 -30.19
N ARG A 101 18.25 14.32 -31.47
CA ARG A 101 18.17 12.93 -31.93
C ARG A 101 19.38 12.43 -32.74
N SER A 102 20.48 13.22 -32.89
CA SER A 102 21.62 12.79 -33.73
C SER A 102 22.38 11.59 -33.13
N PHE A 103 23.20 10.91 -33.93
CA PHE A 103 23.98 9.76 -33.42
C PHE A 103 25.00 10.24 -32.40
N ILE A 104 25.63 11.39 -32.66
CA ILE A 104 26.64 11.97 -31.77
C ILE A 104 26.03 12.41 -30.42
N THR A 105 24.72 12.65 -30.36
CA THR A 105 24.04 12.97 -29.09
C THR A 105 23.66 11.69 -28.33
N ARG A 106 23.22 10.66 -29.06
CA ARG A 106 22.73 9.39 -28.51
C ARG A 106 23.83 8.31 -28.27
N ASP A 108 26.25 8.01 -26.23
CA ASP A 108 26.60 7.69 -24.85
C ASP A 108 25.56 6.76 -24.15
N LYS A 109 24.45 6.39 -24.80
CA LYS A 109 23.44 5.56 -24.13
C LYS A 109 23.22 4.24 -24.89
N LEU A 110 24.22 3.34 -24.84
CA LEU A 110 24.23 2.03 -25.50
C LEU A 110 24.49 0.88 -24.54
N GLY A 111 24.25 1.06 -23.23
CA GLY A 111 24.49 0.03 -22.23
C GLY A 111 25.97 -0.28 -22.05
N CYS A 112 26.30 -1.54 -21.70
CA CYS A 112 27.69 -2.01 -21.55
C CYS A 112 27.90 -3.21 -22.50
N PRO A 113 28.04 -2.98 -23.83
CA PRO A 113 28.13 -4.14 -24.75
C PRO A 113 29.55 -4.60 -24.99
N ASP A 114 29.68 -5.76 -25.66
CA ASP A 114 30.96 -6.34 -26.11
C ASP A 114 31.24 -5.94 -27.59
N ILE A 115 30.17 -5.67 -28.35
CA ILE A 115 30.20 -5.30 -29.78
C ILE A 115 29.21 -4.16 -30.03
N ILE A 116 29.55 -3.20 -30.89
CA ILE A 116 28.59 -2.16 -31.27
C ILE A 116 28.50 -2.09 -32.77
N PHE A 117 27.28 -2.06 -33.34
CA PHE A 117 27.08 -1.77 -34.76
C PHE A 117 26.60 -0.33 -34.87
N ILE A 118 27.23 0.45 -35.72
CA ILE A 118 26.78 1.81 -36.02
C ILE A 118 26.12 1.70 -37.40
N PHE A 119 24.85 2.02 -37.54
CA PHE A 119 24.22 1.95 -38.86
C PHE A 119 23.53 3.27 -39.15
N GLY A 120 24.27 4.18 -39.75
CA GLY A 120 23.77 5.51 -40.06
C GLY A 120 24.41 6.12 -41.29
N ALA A 121 24.01 7.38 -41.59
CA ALA A 121 24.49 8.25 -42.69
C ALA A 121 23.50 8.32 -43.84
N THR A 122 22.46 7.44 -43.89
CA THR A 122 21.42 7.47 -44.89
C THR A 122 20.66 8.78 -44.83
N ASN A 123 20.28 9.19 -43.61
CA ASN A 123 19.54 10.43 -43.45
C ASN A 123 20.34 11.63 -43.76
N ASP A 124 21.64 11.66 -43.40
CA ASP A 124 22.52 12.81 -43.75
C ASP A 124 22.61 12.97 -45.28
N CYS A 125 22.64 11.83 -45.99
CA CYS A 125 22.71 11.78 -47.44
C CYS A 125 21.43 12.35 -48.07
N TRP A 126 20.23 11.91 -47.63
CA TRP A 126 18.98 12.36 -48.23
C TRP A 126 18.41 13.65 -47.64
N ALA A 127 18.88 14.08 -46.46
CA ALA A 127 18.49 15.38 -45.89
C ALA A 127 19.23 16.50 -46.59
N GLY A 128 20.37 16.18 -47.20
CA GLY A 128 21.21 17.18 -47.83
C GLY A 128 22.03 17.90 -46.78
N SER A 129 22.45 17.17 -45.71
CA SER A 129 23.26 17.76 -44.65
C SER A 129 24.58 18.23 -45.25
N PRO A 130 25.09 19.42 -44.88
CA PRO A 130 26.36 19.87 -45.46
C PRO A 130 27.46 18.85 -45.18
N LEU A 131 28.23 18.50 -46.22
CA LEU A 131 29.28 17.50 -46.10
C LEU A 131 30.45 17.99 -45.20
N GLY A 132 30.81 19.27 -45.31
CA GLY A 132 31.88 19.88 -44.52
C GLY A 132 33.26 19.42 -44.91
N ASP A 133 34.25 19.78 -44.08
CA ASP A 133 35.65 19.37 -44.26
C ASP A 133 36.00 18.27 -43.27
N TYR A 134 37.00 17.44 -43.60
CA TYR A 134 37.50 16.45 -42.66
C TYR A 134 38.12 17.16 -41.46
N LYS A 135 37.73 16.78 -40.22
CA LYS A 135 38.26 17.36 -38.99
CA LYS A 135 38.26 17.36 -38.99
C LYS A 135 38.40 16.24 -37.96
N TYR A 136 39.63 16.01 -37.48
CA TYR A 136 39.89 14.90 -36.54
C TYR A 136 40.19 15.39 -35.11
N GLU A 137 39.96 16.68 -34.81
CA GLU A 137 40.10 17.22 -33.45
C GLU A 137 39.54 18.64 -33.38
N GLY A 138 39.38 19.16 -32.17
CA GLY A 138 38.92 20.52 -31.89
C GLY A 138 37.53 20.86 -32.41
N TRP A 139 36.65 19.88 -32.49
CA TRP A 139 35.30 20.04 -33.01
C TRP A 139 34.51 21.08 -32.21
N THR A 140 33.97 22.10 -32.89
CA THR A 140 33.12 23.13 -32.30
C THR A 140 31.66 22.75 -32.51
N LYS A 141 30.72 23.48 -31.90
CA LYS A 141 29.28 23.25 -32.08
C LYS A 141 28.89 23.49 -33.55
N GLU A 142 29.52 24.48 -34.19
CA GLU A 142 29.27 24.82 -35.58
C GLU A 142 29.70 23.66 -36.51
N ASP A 143 30.89 23.07 -36.25
CA ASP A 143 31.41 21.94 -37.04
C ASP A 143 30.52 20.73 -37.02
N LEU A 144 29.95 20.42 -35.85
CA LEU A 144 29.17 19.23 -35.69
C LEU A 144 27.76 19.31 -36.39
N TYR A 145 27.42 20.44 -37.06
CA TYR A 145 26.25 20.57 -37.92
C TYR A 145 26.58 20.04 -39.34
N THR A 146 27.86 19.72 -39.64
CA THR A 146 28.29 19.21 -40.94
C THR A 146 28.69 17.75 -40.75
N PHE A 147 28.69 16.96 -41.84
CA PHE A 147 28.89 15.51 -41.82
C PHE A 147 30.29 15.00 -41.43
N ARG A 148 31.36 15.36 -42.17
CA ARG A 148 32.69 14.79 -41.86
C ARG A 148 33.13 15.06 -40.41
N PRO A 149 33.04 16.29 -39.88
CA PRO A 149 33.42 16.51 -38.48
C PRO A 149 32.58 15.66 -37.50
N ALA A 150 31.24 15.60 -37.69
CA ALA A 150 30.36 14.81 -36.83
C ALA A 150 30.69 13.30 -36.87
N ALA A 152 33.65 11.86 -37.60
CA ALA A 152 34.92 11.69 -36.87
C ALA A 152 34.74 11.82 -35.34
N TYR A 153 33.96 12.85 -34.93
CA TYR A 153 33.63 13.08 -33.53
C TYR A 153 32.90 11.82 -32.98
N LEU A 154 32.02 11.19 -33.79
CA LEU A 154 31.31 9.97 -33.37
C LEU A 154 32.30 8.84 -33.05
N LEU A 155 33.20 8.50 -34.02
CA LEU A 155 34.16 7.40 -33.85
C LEU A 155 35.18 7.69 -32.78
N ASP A 156 35.69 8.92 -32.72
CA ASP A 156 36.68 9.28 -31.71
C ASP A 156 36.11 9.05 -30.30
N HIS A 157 34.97 9.68 -30.01
CA HIS A 157 34.32 9.61 -28.69
C HIS A 157 33.85 8.22 -28.33
N ILE A 159 35.26 5.27 -29.43
CA ILE A 159 36.43 4.43 -29.15
C ILE A 159 36.84 4.61 -27.67
N ASP A 160 36.81 5.87 -27.16
CA ASP A 160 37.17 6.19 -25.77
C ASP A 160 36.08 5.77 -24.77
N ARG A 161 34.80 5.95 -25.14
CA ARG A 161 33.69 5.60 -24.27
CA ARG A 161 33.70 5.60 -24.25
C ARG A 161 33.53 4.09 -24.16
N TYR A 162 33.86 3.35 -25.19
CA TYR A 162 33.68 1.89 -25.21
C TYR A 162 35.02 1.18 -25.40
N PRO A 163 35.94 1.25 -24.42
CA PRO A 163 37.26 0.62 -24.62
C PRO A 163 37.15 -0.91 -24.74
N ASN A 164 37.89 -1.45 -25.73
CA ASN A 164 38.00 -2.87 -26.04
C ASN A 164 36.66 -3.46 -26.51
N VAL A 165 35.75 -2.61 -27.04
CA VAL A 165 34.48 -3.02 -27.60
C VAL A 165 34.69 -3.04 -29.10
N GLU A 166 34.29 -4.12 -29.78
CA GLU A 166 34.43 -4.20 -31.24
C GLU A 166 33.39 -3.30 -31.89
N ILE A 167 33.82 -2.30 -32.69
CA ILE A 167 32.91 -1.35 -33.33
C ILE A 167 32.96 -1.55 -34.85
N TYR A 168 31.78 -1.67 -35.45
CA TYR A 168 31.59 -1.92 -36.87
C TYR A 168 30.65 -0.89 -37.44
N PHE A 169 31.08 -0.18 -38.47
CA PHE A 169 30.20 0.75 -39.13
C PHE A 169 29.52 0.00 -40.28
N LEU A 170 28.19 0.07 -40.37
CA LEU A 170 27.45 -0.53 -41.48
C LEU A 170 27.09 0.56 -42.47
N LEU A 171 27.53 0.44 -43.72
CA LEU A 171 27.29 1.50 -44.71
C LEU A 171 26.17 1.03 -45.62
N ASN A 172 25.06 1.77 -45.63
CA ASN A 172 23.94 1.46 -46.47
C ASN A 172 24.34 1.52 -47.96
N SER A 173 23.65 0.71 -48.79
CA SER A 173 23.85 0.71 -50.23
C SER A 173 23.00 1.82 -50.80
N GLY A 174 23.36 2.29 -52.01
CA GLY A 174 22.61 3.32 -52.73
C GLY A 174 22.72 4.75 -52.24
N LEU A 175 23.78 5.12 -51.46
CA LEU A 175 23.98 6.51 -51.02
C LEU A 175 24.89 7.25 -52.00
N LYS A 176 24.97 8.61 -51.91
CA LYS A 176 25.83 9.41 -52.80
CA LYS A 176 25.83 9.41 -52.80
C LYS A 176 27.28 9.06 -52.49
N GLU A 177 28.12 9.03 -53.53
CA GLU A 177 29.52 8.63 -53.36
C GLU A 177 30.32 9.53 -52.42
N GLU A 178 29.94 10.82 -52.29
CA GLU A 178 30.60 11.77 -51.38
C GLU A 178 30.44 11.29 -49.93
N PHE A 179 29.28 10.65 -49.60
CA PHE A 179 29.04 10.11 -48.27
C PHE A 179 29.75 8.76 -48.13
N ASN A 180 29.73 7.90 -49.18
CA ASN A 180 30.43 6.60 -49.13
C ASN A 180 31.92 6.77 -48.87
N GLU A 181 32.54 7.71 -49.63
CA GLU A 181 33.97 7.98 -49.55
C GLU A 181 34.33 8.66 -48.22
N SER A 182 33.50 9.63 -47.73
CA SER A 182 33.71 10.25 -46.41
C SER A 182 33.69 9.23 -45.30
N VAL A 183 32.64 8.39 -45.26
CA VAL A 183 32.48 7.36 -44.22
C VAL A 183 33.68 6.41 -44.23
N ARG A 184 34.05 5.90 -45.42
CA ARG A 184 35.18 4.97 -45.64
C ARG A 184 36.52 5.61 -45.22
N ALA A 185 36.76 6.91 -45.55
CA ALA A 185 38.01 7.57 -45.15
C ALA A 185 38.07 7.78 -43.64
N ILE A 186 36.96 8.24 -43.02
CA ILE A 186 36.95 8.50 -41.57
C ILE A 186 37.05 7.17 -40.80
N CYS A 187 36.38 6.09 -41.26
CA CYS A 187 36.51 4.77 -40.61
C CYS A 187 37.97 4.27 -40.65
N ASN A 188 38.65 4.46 -41.83
CA ASN A 188 40.06 4.05 -42.02
CA ASN A 188 40.07 4.06 -42.00
C ASN A 188 40.99 4.83 -41.05
N HIS A 189 40.73 6.14 -40.84
CA HIS A 189 41.49 7.00 -39.92
C HIS A 189 41.47 6.44 -38.49
N TYR A 190 40.29 5.99 -38.04
CA TYR A 190 40.09 5.47 -36.71
C TYR A 190 40.27 3.94 -36.62
N ASN A 191 40.69 3.26 -37.71
CA ASN A 191 40.90 1.82 -37.75
C ASN A 191 39.63 1.03 -37.39
N ILE A 192 38.46 1.56 -37.82
CA ILE A 192 37.14 0.94 -37.60
C ILE A 192 36.74 0.19 -38.88
N ASP A 193 36.25 -1.05 -38.72
CA ASP A 193 35.77 -1.81 -39.88
C ASP A 193 34.49 -1.17 -40.42
N CYS A 194 34.45 -0.97 -41.74
CA CYS A 194 33.31 -0.38 -42.43
C CYS A 194 32.79 -1.44 -43.34
N ILE A 195 31.60 -1.96 -43.02
CA ILE A 195 30.97 -3.04 -43.76
C ILE A 195 30.13 -2.38 -44.84
N GLU A 196 30.56 -2.52 -46.13
CA GLU A 196 29.88 -1.90 -47.26
C GLU A 196 28.80 -2.81 -47.77
N LEU A 197 27.55 -2.47 -47.42
CA LEU A 197 26.37 -3.24 -47.85
C LEU A 197 26.14 -2.98 -49.38
N HIS A 198 25.68 -4.01 -50.10
CA HIS A 198 25.40 -3.90 -51.54
C HIS A 198 24.10 -4.59 -51.88
N ASP A 199 23.37 -4.03 -52.86
CA ASP A 199 22.15 -4.62 -53.42
C ASP A 199 21.14 -5.05 -52.35
N ILE A 200 20.86 -4.17 -51.37
CA ILE A 200 19.91 -4.51 -50.31
C ILE A 200 18.50 -4.28 -50.87
N ASP A 201 17.66 -5.32 -50.88
CA ASP A 201 16.30 -5.23 -51.43
C ASP A 201 15.45 -4.33 -50.52
N LYS A 202 14.81 -3.29 -51.08
CA LYS A 202 14.06 -2.31 -50.28
C LYS A 202 12.63 -2.09 -50.77
N LYS A 203 11.75 -1.67 -49.84
CA LYS A 203 10.35 -1.32 -50.06
C LYS A 203 10.09 -0.03 -49.27
N SER A 204 9.65 1.07 -49.91
CA SER A 204 9.50 2.39 -49.26
C SER A 204 10.86 2.92 -48.77
N GLY A 205 11.91 2.61 -49.55
CA GLY A 205 13.28 2.99 -49.24
C GLY A 205 13.86 2.35 -48.00
N HIS A 206 13.22 1.30 -47.47
CA HIS A 206 13.69 0.63 -46.24
C HIS A 206 13.83 -0.85 -46.50
N PRO A 207 14.74 -1.58 -45.82
CA PRO A 207 14.85 -3.03 -46.10
C PRO A 207 13.53 -3.83 -45.96
N SER A 208 13.33 -4.72 -46.92
CA SER A 208 12.24 -5.67 -46.88
C SER A 208 12.70 -6.88 -46.05
N ILE A 209 11.88 -7.97 -45.97
CA ILE A 209 12.28 -9.21 -45.27
C ILE A 209 13.56 -9.75 -45.91
N LYS A 210 13.60 -9.76 -47.25
CA LYS A 210 14.75 -10.17 -48.05
C LYS A 210 15.94 -9.29 -47.76
N GLY A 211 15.72 -7.97 -47.73
CA GLY A 211 16.72 -6.97 -47.45
C GLY A 211 17.36 -7.09 -46.08
N GLU A 213 17.51 -9.93 -44.40
CA GLU A 213 18.31 -11.16 -44.48
C GLU A 213 19.61 -10.91 -45.21
N GLN A 214 19.58 -10.12 -46.32
CA GLN A 214 20.80 -9.76 -47.04
C GLN A 214 21.78 -8.96 -46.15
N ILE A 215 21.28 -7.99 -45.33
CA ILE A 215 22.13 -7.25 -44.39
C ILE A 215 22.82 -8.23 -43.40
N SER A 216 22.05 -9.13 -42.78
CA SER A 216 22.56 -10.10 -41.82
C SER A 216 23.61 -11.04 -42.46
N GLU A 217 23.32 -11.59 -43.66
CA GLU A 217 24.25 -12.49 -44.35
C GLU A 217 25.49 -11.75 -44.82
N GLN A 218 25.38 -10.46 -45.21
CA GLN A 218 26.55 -9.68 -45.61
C GLN A 218 27.43 -9.36 -44.38
N ILE A 219 26.85 -9.22 -43.15
CA ILE A 219 27.63 -8.99 -41.93
C ILE A 219 28.41 -10.28 -41.64
N LYS A 220 27.71 -11.47 -41.71
CA LYS A 220 28.38 -12.77 -41.51
C LYS A 220 29.53 -12.98 -42.51
N PHE A 222 31.30 -10.52 -44.13
CA PHE A 222 32.36 -9.59 -43.78
C PHE A 222 33.15 -10.12 -42.59
N ARG A 224 33.58 -13.20 -41.69
CA ARG A 224 34.37 -14.35 -42.07
C ARG A 224 35.61 -13.96 -42.90
N LYS A 225 35.53 -12.96 -43.81
CA LYS A 225 36.70 -12.55 -44.60
C LYS A 225 37.63 -11.60 -43.79
N THR A 226 37.20 -11.07 -42.61
CA THR A 226 38.02 -10.17 -41.76
C THR A 226 38.00 -10.64 -40.29
N GLN B 20 35.54 -15.60 -23.99
CA GLN B 20 35.48 -14.64 -25.09
C GLN B 20 35.11 -13.25 -24.58
N SER B 21 33.95 -13.13 -23.92
CA SER B 21 33.46 -11.86 -23.39
C SER B 21 34.42 -11.32 -22.27
N LEU B 22 34.93 -10.08 -22.45
CA LEU B 22 35.88 -9.45 -21.53
C LEU B 22 35.16 -8.91 -20.31
N LYS B 23 35.79 -9.02 -19.14
CA LYS B 23 35.24 -8.51 -17.88
C LYS B 23 35.08 -6.99 -17.94
N SER B 24 34.00 -6.45 -17.34
CA SER B 24 33.70 -5.03 -17.28
CA SER B 24 33.74 -5.02 -17.31
C SER B 24 34.03 -4.49 -15.89
N ILE B 25 34.40 -3.20 -15.79
CA ILE B 25 34.76 -2.56 -14.53
C ILE B 25 33.91 -1.32 -14.26
N SER B 26 33.48 -1.15 -13.01
CA SER B 26 32.75 0.03 -12.56
C SER B 26 33.57 0.74 -11.46
N ILE B 27 33.43 2.03 -11.37
CA ILE B 27 34.17 2.81 -10.41
C ILE B 27 33.19 3.55 -9.51
N LEU B 28 33.44 3.50 -8.17
CA LEU B 28 32.72 4.28 -7.17
C LEU B 28 33.79 5.15 -6.62
N GLY B 29 33.90 6.37 -7.17
CA GLY B 29 34.96 7.30 -6.81
C GLY B 29 34.50 8.69 -6.44
N ASP B 30 35.45 9.60 -6.39
CA ASP B 30 35.31 10.99 -5.97
C ASP B 30 36.02 11.87 -7.03
N SER B 31 36.57 13.03 -6.66
CA SER B 31 37.26 13.93 -7.63
C SER B 31 38.23 13.19 -8.57
N TYR B 32 39.04 12.26 -8.03
CA TYR B 32 40.15 11.57 -8.73
C TYR B 32 39.69 10.66 -9.83
N SER B 33 38.43 10.20 -9.80
CA SER B 33 37.89 9.32 -10.84
C SER B 33 36.86 10.03 -11.70
N THR B 34 36.72 11.37 -11.62
CA THR B 34 35.76 12.04 -12.47
C THR B 34 36.37 12.45 -13.84
N PHE B 35 35.50 12.56 -14.82
CA PHE B 35 35.88 13.10 -16.10
C PHE B 35 34.59 13.53 -16.80
N GLU B 36 34.56 14.78 -17.24
CA GLU B 36 33.41 15.40 -17.92
C GLU B 36 32.85 14.46 -18.99
N GLY B 37 31.56 14.13 -18.87
CA GLY B 37 30.84 13.30 -19.84
C GLY B 37 30.91 11.79 -19.65
N TYR B 38 31.61 11.29 -18.62
CA TYR B 38 31.77 9.86 -18.35
C TYR B 38 31.16 9.43 -17.01
N LEU B 39 30.37 10.32 -16.36
CA LEU B 39 29.78 10.06 -15.05
C LEU B 39 28.30 9.68 -15.13
N GLN B 40 27.90 8.67 -14.35
CA GLN B 40 26.52 8.25 -14.21
C GLN B 40 26.14 8.30 -12.75
N PRO B 41 25.09 9.05 -12.34
CA PRO B 41 24.23 9.92 -13.17
C PRO B 41 25.04 11.12 -13.68
N ASP B 42 24.63 11.67 -14.83
CA ASP B 42 25.33 12.80 -15.46
C ASP B 42 25.27 14.10 -14.63
N THR B 43 24.44 14.14 -13.56
CA THR B 43 24.36 15.31 -12.69
C THR B 43 25.48 15.32 -11.61
N ASN B 44 26.35 14.27 -11.52
CA ASN B 44 27.45 14.23 -10.54
C ASN B 44 28.46 15.36 -10.76
N SER B 45 29.06 15.87 -9.67
CA SER B 45 30.05 16.95 -9.78
C SER B 45 31.34 16.43 -10.41
N ILE B 46 31.89 17.20 -11.33
CA ILE B 46 33.10 16.86 -12.07
C ILE B 46 34.27 17.66 -11.56
N TRP B 47 35.46 17.06 -11.52
CA TRP B 47 36.69 17.80 -11.22
C TRP B 47 37.50 17.98 -12.51
N TYR B 48 37.67 16.89 -13.31
CA TYR B 48 38.41 16.93 -14.58
C TYR B 48 37.52 17.24 -15.79
N TYR B 49 37.73 18.41 -16.40
CA TYR B 49 37.06 18.86 -17.61
C TYR B 49 38.00 18.74 -18.80
N VAL B 50 37.42 18.74 -20.01
CA VAL B 50 38.19 18.65 -21.25
C VAL B 50 39.09 19.90 -21.32
N SER B 51 38.49 21.08 -21.13
CA SER B 51 39.19 22.36 -21.00
C SER B 51 39.31 22.58 -19.49
N PRO B 52 40.48 22.35 -18.85
CA PRO B 52 40.52 22.39 -17.38
C PRO B 52 40.06 23.69 -16.72
N ARG B 53 39.32 23.56 -15.62
CA ARG B 53 38.83 24.68 -14.82
C ARG B 53 39.66 24.84 -13.51
N GLN B 54 40.44 23.80 -13.17
CA GLN B 54 41.30 23.69 -12.00
C GLN B 54 42.72 23.66 -12.50
N GLN B 55 43.74 23.99 -11.70
CA GLN B 55 45.11 23.95 -12.21
C GLN B 55 45.58 22.46 -12.30
N THR B 56 45.52 21.87 -13.54
CA THR B 56 45.93 20.49 -13.82
C THR B 56 46.44 20.40 -15.25
N ASP B 57 47.26 19.37 -15.57
CA ASP B 57 47.74 19.12 -16.95
C ASP B 57 46.85 18.06 -17.68
N VAL B 58 45.96 17.36 -16.94
CA VAL B 58 45.05 16.33 -17.50
C VAL B 58 43.92 17.00 -18.32
N THR B 59 43.78 16.64 -19.60
CA THR B 59 42.75 17.21 -20.48
C THR B 59 41.93 16.16 -21.22
N SER B 60 42.25 14.87 -21.09
CA SER B 60 41.58 13.78 -21.81
C SER B 60 41.25 12.61 -20.87
N VAL B 61 40.13 11.92 -21.17
CA VAL B 61 39.72 10.72 -20.45
C VAL B 61 40.76 9.61 -20.63
N LYS B 62 41.48 9.62 -21.75
CA LYS B 62 42.53 8.63 -22.06
C LYS B 62 43.67 8.70 -21.05
N GLN B 63 43.88 9.86 -20.39
CA GLN B 63 44.92 10.05 -19.38
C GLN B 63 44.48 9.66 -17.95
N THR B 64 43.18 9.34 -17.70
CA THR B 64 42.70 9.00 -16.34
C THR B 64 43.22 7.61 -15.94
N TRP B 65 43.44 7.40 -14.65
CA TRP B 65 43.94 6.14 -14.10
C TRP B 65 43.03 4.97 -14.47
N TRP B 66 41.71 5.19 -14.44
CA TRP B 66 40.71 4.17 -14.69
C TRP B 66 40.59 3.82 -16.19
N HIS B 67 40.58 4.81 -17.06
CA HIS B 67 40.50 4.53 -18.53
C HIS B 67 41.77 3.77 -18.98
N LYS B 68 42.93 4.22 -18.46
CA LYS B 68 44.25 3.61 -18.73
C LYS B 68 44.27 2.16 -18.30
N PHE B 69 43.93 1.88 -17.03
CA PHE B 69 43.89 0.52 -16.50
C PHE B 69 42.94 -0.36 -17.30
N ILE B 70 41.71 0.13 -17.53
CA ILE B 70 40.67 -0.64 -18.26
C ILE B 70 41.12 -0.95 -19.69
N LYS B 71 41.53 0.08 -20.44
CA LYS B 71 41.94 -0.10 -21.82
C LYS B 71 43.18 -0.98 -21.98
N GLU B 72 44.21 -0.75 -21.17
CA GLU B 72 45.49 -1.45 -21.27
C GLU B 72 45.49 -2.87 -20.72
N ASN B 73 44.58 -3.23 -19.79
CA ASN B 73 44.52 -4.60 -19.27
C ASN B 73 43.34 -5.41 -19.86
N ASN B 74 42.89 -5.02 -21.07
CA ASN B 74 41.89 -5.74 -21.85
C ASN B 74 40.53 -5.92 -21.11
N TYR B 75 40.02 -4.84 -20.52
CA TYR B 75 38.72 -4.79 -19.85
C TYR B 75 37.78 -3.82 -20.57
N ARG B 76 36.52 -3.85 -20.17
CA ARG B 76 35.49 -2.94 -20.65
C ARG B 76 35.10 -1.97 -19.53
N LEU B 77 34.56 -0.82 -19.91
CA LEU B 77 34.07 0.16 -18.94
C LEU B 77 32.59 -0.11 -18.69
N CYS B 78 32.15 -0.21 -17.43
CA CYS B 78 30.75 -0.42 -17.13
C CYS B 78 30.17 0.94 -16.66
N VAL B 79 30.21 1.28 -15.37
CA VAL B 79 29.66 2.55 -14.89
C VAL B 79 30.69 3.25 -14.05
N ASN B 80 30.88 4.54 -14.29
CA ASN B 80 31.76 5.34 -13.46
C ASN B 80 30.85 6.24 -12.64
N ASN B 81 30.60 5.87 -11.38
CA ASN B 81 29.78 6.69 -10.48
C ASN B 81 30.73 7.43 -9.57
N SER B 82 31.31 8.54 -10.09
CA SER B 82 32.24 9.35 -9.32
C SER B 82 31.68 10.77 -9.14
N PHE B 83 31.86 11.35 -7.94
CA PHE B 83 31.27 12.63 -7.57
C PHE B 83 32.34 13.44 -6.88
N SER B 84 32.70 14.59 -7.45
CA SER B 84 33.75 15.46 -6.92
C SER B 84 33.44 15.94 -5.50
N GLY B 85 34.39 15.74 -4.58
CA GLY B 85 34.29 16.15 -3.19
C GLY B 85 33.43 15.23 -2.33
N ALA B 86 32.98 14.10 -2.87
CA ALA B 86 32.11 13.19 -2.11
C ALA B 86 32.91 12.39 -1.08
N THR B 87 32.31 12.25 0.09
CA THR B 87 32.87 11.53 1.21
C THR B 87 32.30 10.14 1.22
N ILE B 88 32.92 9.23 1.94
CA ILE B 88 32.40 7.89 2.18
C ILE B 88 31.21 7.97 3.13
N CYS B 89 31.34 8.76 4.20
CA CYS B 89 30.25 8.90 5.19
C CYS B 89 29.38 10.12 4.84
N ASN B 90 28.33 10.37 5.65
CA ASN B 90 27.37 11.44 5.40
C ASN B 90 27.75 12.81 6.02
N THR B 91 28.96 12.96 6.62
CA THR B 91 29.45 14.29 7.08
C THR B 91 30.47 14.81 6.08
N GLY B 92 30.18 15.98 5.50
CA GLY B 92 31.06 16.64 4.54
C GLY B 92 31.86 17.77 5.11
N TYR B 93 32.32 18.66 4.23
CA TYR B 93 33.12 19.83 4.59
C TYR B 93 32.28 20.80 5.45
N ASN B 94 32.89 21.36 6.52
CA ASN B 94 32.24 22.27 7.48
C ASN B 94 30.98 21.61 8.14
N GLN B 95 31.10 20.31 8.44
CA GLN B 95 30.07 19.50 9.09
C GLN B 95 28.71 19.50 8.33
N ALA B 96 28.74 19.72 7.00
CA ALA B 96 27.52 19.72 6.19
C ALA B 96 27.02 18.31 5.97
N ASP B 97 25.71 18.14 5.76
CA ASP B 97 25.08 16.84 5.51
C ASP B 97 25.30 16.45 4.04
N TYR B 98 26.09 15.39 3.81
CA TYR B 98 26.42 14.86 2.47
C TYR B 98 25.67 13.54 2.21
N SER B 99 24.48 13.38 2.76
CA SER B 99 23.68 12.18 2.52
C SER B 99 23.29 12.05 1.04
N ASP B 100 23.18 13.16 0.32
CA ASP B 100 22.82 13.17 -1.10
C ASP B 100 23.93 12.65 -2.04
N ARG B 101 25.24 12.85 -1.69
CA ARG B 101 26.41 12.50 -2.52
C ARG B 101 27.34 11.42 -1.98
N SER B 102 27.18 10.95 -0.75
CA SER B 102 28.12 10.00 -0.16
C SER B 102 28.24 8.68 -0.97
N PHE B 103 29.33 7.94 -0.72
CA PHE B 103 29.56 6.67 -1.40
C PHE B 103 28.49 5.66 -0.98
N ILE B 104 28.14 5.66 0.31
CA ILE B 104 27.11 4.72 0.85
C ILE B 104 25.71 5.01 0.26
N THR B 105 25.45 6.22 -0.24
CA THR B 105 24.19 6.54 -0.91
C THR B 105 24.23 6.12 -2.39
N ARG B 106 25.37 6.31 -3.06
CA ARG B 106 25.58 6.07 -4.49
C ARG B 106 26.01 4.63 -4.84
N ASP B 108 24.60 1.77 -4.75
CA ASP B 108 23.64 0.91 -5.43
C ASP B 108 23.48 1.22 -6.96
N LYS B 109 24.18 2.24 -7.51
CA LYS B 109 24.03 2.57 -8.92
C LYS B 109 25.37 2.48 -9.67
N LEU B 110 25.85 1.24 -9.87
CA LEU B 110 27.13 0.92 -10.55
C LEU B 110 26.97 -0.06 -11.71
N GLY B 111 25.75 -0.17 -12.29
CA GLY B 111 25.48 -1.11 -13.39
C GLY B 111 25.56 -2.57 -12.96
N CYS B 112 25.98 -3.45 -13.90
CA CYS B 112 26.19 -4.87 -13.62
C CYS B 112 27.66 -5.24 -13.97
N PRO B 113 28.65 -4.87 -13.12
CA PRO B 113 30.05 -5.12 -13.51
C PRO B 113 30.58 -6.46 -13.03
N ASP B 114 31.78 -6.84 -13.50
CA ASP B 114 32.53 -8.03 -13.08
C ASP B 114 33.54 -7.67 -11.99
N ILE B 115 34.00 -6.40 -12.00
CA ILE B 115 34.99 -5.84 -11.07
C ILE B 115 34.52 -4.46 -10.62
N ILE B 116 34.74 -4.09 -9.34
CA ILE B 116 34.45 -2.73 -8.89
C ILE B 116 35.67 -2.17 -8.22
N PHE B 117 36.05 -0.91 -8.55
CA PHE B 117 37.07 -0.18 -7.81
C PHE B 117 36.36 0.83 -6.93
N ILE B 118 36.69 0.86 -5.65
CA ILE B 118 36.18 1.88 -4.73
C ILE B 118 37.36 2.83 -4.52
N PHE B 119 37.25 4.12 -4.89
CA PHE B 119 38.35 5.03 -4.67
C PHE B 119 37.84 6.25 -3.89
N GLY B 120 37.90 6.15 -2.56
CA GLY B 120 37.42 7.21 -1.69
C GLY B 120 38.15 7.29 -0.39
N ALA B 121 37.70 8.21 0.49
CA ALA B 121 38.18 8.48 1.87
C ALA B 121 39.05 9.73 1.95
N THR B 122 39.51 10.29 0.80
CA THR B 122 40.29 11.51 0.75
C THR B 122 39.47 12.68 1.29
N ASN B 123 38.20 12.82 0.87
CA ASN B 123 37.37 13.92 1.37
C ASN B 123 36.97 13.74 2.83
N ASP B 124 36.77 12.52 3.30
CA ASP B 124 36.49 12.32 4.72
C ASP B 124 37.70 12.79 5.58
N CYS B 125 38.91 12.54 5.06
CA CYS B 125 40.16 12.89 5.71
C CYS B 125 40.31 14.42 5.77
N TRP B 126 40.11 15.14 4.65
CA TRP B 126 40.30 16.58 4.62
C TRP B 126 39.07 17.40 5.04
N ALA B 127 37.88 16.80 5.06
CA ALA B 127 36.69 17.49 5.58
C ALA B 127 36.70 17.51 7.08
N GLY B 128 37.45 16.58 7.70
CA GLY B 128 37.48 16.44 9.14
C GLY B 128 36.26 15.70 9.61
N SER B 129 35.78 14.71 8.80
CA SER B 129 34.61 13.92 9.18
C SER B 129 34.93 13.15 10.46
N PRO B 130 34.01 13.08 11.44
CA PRO B 130 34.31 12.33 12.67
C PRO B 130 34.68 10.89 12.34
N LEU B 131 35.78 10.41 12.92
CA LEU B 131 36.27 9.06 12.66
C LEU B 131 35.30 7.96 13.22
N GLY B 132 34.73 8.19 14.39
CA GLY B 132 33.79 7.27 15.03
C GLY B 132 34.43 5.99 15.53
N ASP B 133 33.58 5.03 15.93
CA ASP B 133 34.02 3.71 16.41
C ASP B 133 33.82 2.68 15.33
N TYR B 134 34.60 1.58 15.36
CA TYR B 134 34.36 0.45 14.45
C TYR B 134 33.00 -0.17 14.78
N LYS B 135 32.17 -0.38 13.75
CA LYS B 135 30.82 -0.97 13.90
C LYS B 135 30.56 -1.87 12.68
N TYR B 136 30.34 -3.18 12.90
CA TYR B 136 30.19 -4.13 11.80
C TYR B 136 28.74 -4.65 11.65
N GLU B 137 27.76 -4.02 12.36
CA GLU B 137 26.34 -4.33 12.22
C GLU B 137 25.48 -3.31 12.97
N GLY B 138 24.17 -3.33 12.74
CA GLY B 138 23.19 -2.47 13.39
C GLY B 138 23.38 -0.97 13.19
N TRP B 139 23.94 -0.58 12.06
CA TRP B 139 24.21 0.81 11.72
C TRP B 139 22.94 1.66 11.74
N THR B 140 22.95 2.74 12.53
CA THR B 140 21.85 3.71 12.60
C THR B 140 22.17 4.88 11.67
N LYS B 141 21.20 5.80 11.51
CA LYS B 141 21.34 7.01 10.70
C LYS B 141 22.45 7.91 11.28
N GLU B 142 22.53 7.94 12.62
CA GLU B 142 23.51 8.73 13.37
C GLU B 142 24.92 8.18 13.15
N ASP B 143 25.08 6.84 13.19
CA ASP B 143 26.38 6.17 12.96
C ASP B 143 26.97 6.46 11.61
N LEU B 144 26.14 6.53 10.55
CA LEU B 144 26.66 6.74 9.18
C LEU B 144 27.11 8.18 8.88
N TYR B 145 27.02 9.06 9.86
CA TYR B 145 27.60 10.39 9.78
C TYR B 145 29.08 10.32 10.19
N THR B 146 29.56 9.18 10.73
CA THR B 146 30.96 9.00 11.15
C THR B 146 31.61 8.00 10.18
N PHE B 147 32.95 8.02 10.10
CA PHE B 147 33.72 7.27 9.09
C PHE B 147 33.74 5.74 9.24
N ARG B 148 34.22 5.19 10.35
CA ARG B 148 34.34 3.72 10.45
C ARG B 148 33.00 2.99 10.25
N PRO B 149 31.89 3.40 10.89
CA PRO B 149 30.63 2.71 10.61
C PRO B 149 30.22 2.80 9.14
N ALA B 150 30.40 3.96 8.48
CA ALA B 150 30.05 4.13 7.06
C ALA B 150 30.94 3.27 6.14
N ALA B 152 32.37 0.39 6.90
CA ALA B 152 31.93 -0.97 7.12
C ALA B 152 30.59 -1.24 6.46
N TYR B 153 29.64 -0.29 6.59
CA TYR B 153 28.34 -0.34 5.97
C TYR B 153 28.53 -0.37 4.42
N LEU B 154 29.49 0.38 3.87
CA LEU B 154 29.77 0.39 2.43
C LEU B 154 30.17 -1.00 1.93
N LEU B 155 31.20 -1.63 2.57
CA LEU B 155 31.69 -2.94 2.14
C LEU B 155 30.69 -4.05 2.39
N ASP B 156 30.01 -4.01 3.53
CA ASP B 156 29.02 -5.02 3.84
C ASP B 156 27.93 -5.06 2.74
N HIS B 157 27.30 -3.92 2.52
CA HIS B 157 26.19 -3.78 1.56
C HIS B 157 26.62 -4.03 0.13
N ILE B 159 29.19 -6.09 -0.87
CA ILE B 159 29.46 -7.54 -1.02
C ILE B 159 28.13 -8.27 -1.33
N ASP B 160 27.02 -7.88 -0.66
CA ASP B 160 25.71 -8.49 -0.86
C ASP B 160 25.05 -8.02 -2.17
N ARG B 161 25.22 -6.74 -2.53
CA ARG B 161 24.61 -6.19 -3.73
C ARG B 161 25.30 -6.71 -5.00
N TYR B 162 26.61 -6.98 -4.90
CA TYR B 162 27.41 -7.39 -6.04
C TYR B 162 28.02 -8.76 -5.80
N PRO B 163 27.20 -9.83 -5.71
CA PRO B 163 27.78 -11.15 -5.44
C PRO B 163 28.71 -11.63 -6.56
N ASN B 164 29.86 -12.19 -6.14
CA ASN B 164 30.90 -12.75 -7.00
C ASN B 164 31.52 -11.70 -7.91
N VAL B 165 31.48 -10.41 -7.50
CA VAL B 165 32.13 -9.30 -8.20
C VAL B 165 33.40 -9.05 -7.44
N GLU B 166 34.54 -8.88 -8.15
CA GLU B 166 35.82 -8.59 -7.49
C GLU B 166 35.82 -7.14 -7.04
N ILE B 167 35.96 -6.87 -5.73
CA ILE B 167 35.93 -5.51 -5.20
C ILE B 167 37.33 -5.17 -4.66
N TYR B 168 37.85 -4.00 -5.08
CA TYR B 168 39.15 -3.50 -4.70
C TYR B 168 39.01 -2.11 -4.15
N PHE B 169 39.51 -1.87 -2.96
CA PHE B 169 39.54 -0.53 -2.41
C PHE B 169 40.87 0.12 -2.79
N LEU B 170 40.83 1.32 -3.38
CA LEU B 170 42.06 2.06 -3.70
C LEU B 170 42.28 3.12 -2.63
N LEU B 171 43.40 3.07 -1.95
CA LEU B 171 43.65 4.00 -0.84
C LEU B 171 44.64 5.06 -1.33
N ASN B 172 44.19 6.33 -1.33
CA ASN B 172 45.01 7.42 -1.74
C ASN B 172 46.23 7.56 -0.85
N SER B 173 47.35 8.08 -1.42
CA SER B 173 48.56 8.35 -0.69
C SER B 173 48.38 9.71 -0.01
N GLY B 174 49.15 9.96 1.04
CA GLY B 174 49.15 11.22 1.76
C GLY B 174 47.99 11.54 2.69
N LEU B 175 47.19 10.55 3.13
CA LEU B 175 46.09 10.79 4.06
C LEU B 175 46.54 10.59 5.51
N LYS B 176 45.71 11.03 6.50
CA LYS B 176 46.05 10.89 7.92
C LYS B 176 46.09 9.39 8.26
N GLU B 177 47.00 8.96 9.14
CA GLU B 177 47.17 7.55 9.45
C GLU B 177 45.91 6.94 10.10
N GLU B 178 45.08 7.74 10.80
CA GLU B 178 43.85 7.26 11.41
C GLU B 178 42.89 6.77 10.35
N PHE B 179 42.89 7.42 9.15
CA PHE B 179 42.05 7.00 8.02
C PHE B 179 42.70 5.81 7.30
N ASN B 180 44.04 5.80 7.13
CA ASN B 180 44.74 4.66 6.49
C ASN B 180 44.52 3.38 7.25
N GLU B 181 44.68 3.44 8.59
CA GLU B 181 44.53 2.29 9.46
C GLU B 181 43.05 1.84 9.54
N SER B 182 42.09 2.78 9.65
CA SER B 182 40.66 2.45 9.63
C SER B 182 40.27 1.72 8.34
N VAL B 183 40.68 2.27 7.17
CA VAL B 183 40.36 1.69 5.83
C VAL B 183 40.93 0.26 5.74
N ARG B 184 42.22 0.11 6.12
CA ARG B 184 42.95 -1.16 6.10
C ARG B 184 42.31 -2.20 7.07
N ALA B 185 41.91 -1.79 8.29
CA ALA B 185 41.28 -2.72 9.24
C ALA B 185 39.89 -3.16 8.75
N ILE B 186 39.06 -2.22 8.25
CA ILE B 186 37.72 -2.54 7.79
C ILE B 186 37.78 -3.40 6.50
N CYS B 187 38.72 -3.12 5.58
CA CYS B 187 38.89 -3.94 4.36
C CYS B 187 39.28 -5.38 4.76
N ASN B 188 40.19 -5.55 5.75
CA ASN B 188 40.65 -6.85 6.25
C ASN B 188 39.48 -7.66 6.86
N HIS B 189 38.58 -6.97 7.61
CA HIS B 189 37.38 -7.59 8.20
C HIS B 189 36.50 -8.22 7.15
N TYR B 190 36.30 -7.52 6.03
CA TYR B 190 35.44 -7.99 4.96
C TYR B 190 36.21 -8.78 3.85
N ASN B 191 37.51 -9.06 4.05
CA ASN B 191 38.34 -9.80 3.10
C ASN B 191 38.40 -9.10 1.72
N ILE B 192 38.42 -7.76 1.72
CA ILE B 192 38.48 -6.94 0.51
C ILE B 192 39.93 -6.49 0.32
N ASP B 193 40.47 -6.61 -0.90
CA ASP B 193 41.84 -6.13 -1.17
C ASP B 193 41.86 -4.61 -1.10
N CYS B 194 42.84 -4.07 -0.38
CA CYS B 194 43.06 -2.64 -0.22
C CYS B 194 44.37 -2.36 -0.88
N ILE B 195 44.34 -1.65 -2.01
CA ILE B 195 45.54 -1.31 -2.75
C ILE B 195 46.01 0.04 -2.21
N GLU B 196 47.18 0.02 -1.54
CA GLU B 196 47.76 1.19 -0.93
C GLU B 196 48.63 1.93 -1.93
N LEU B 197 48.10 3.04 -2.44
CA LEU B 197 48.83 3.87 -3.41
C LEU B 197 49.93 4.64 -2.67
N HIS B 198 51.07 4.86 -3.34
CA HIS B 198 52.21 5.58 -2.77
C HIS B 198 52.80 6.52 -3.77
N ASP B 199 53.29 7.68 -3.28
CA ASP B 199 54.02 8.66 -4.09
C ASP B 199 53.30 9.04 -5.37
N ILE B 200 51.99 9.34 -5.30
CA ILE B 200 51.25 9.72 -6.50
C ILE B 200 51.52 11.20 -6.77
N ASP B 201 52.05 11.53 -7.97
CA ASP B 201 52.39 12.91 -8.32
C ASP B 201 51.10 13.72 -8.47
N LYS B 202 50.98 14.86 -7.76
CA LYS B 202 49.74 15.65 -7.76
C LYS B 202 49.96 17.11 -8.10
N LYS B 203 48.90 17.76 -8.61
CA LYS B 203 48.83 19.19 -8.94
C LYS B 203 47.47 19.68 -8.44
N SER B 204 47.42 20.69 -7.54
CA SER B 204 46.16 21.17 -6.93
C SER B 204 45.51 20.04 -6.12
N GLY B 205 46.36 19.23 -5.48
CA GLY B 205 45.96 18.09 -4.66
C GLY B 205 45.30 16.95 -5.41
N HIS B 206 45.38 16.93 -6.75
CA HIS B 206 44.73 15.89 -7.58
C HIS B 206 45.75 15.27 -8.49
N PRO B 207 45.63 13.99 -8.90
CA PRO B 207 46.65 13.42 -9.79
C PRO B 207 46.89 14.20 -11.09
N SER B 208 48.17 14.31 -11.44
CA SER B 208 48.59 14.87 -12.70
C SER B 208 48.56 13.76 -13.75
N ILE B 209 49.05 14.01 -14.99
CA ILE B 209 49.15 12.96 -16.03
C ILE B 209 50.04 11.83 -15.52
N LYS B 210 51.17 12.20 -14.90
CA LYS B 210 52.12 11.27 -14.27
C LYS B 210 51.46 10.49 -13.16
N GLY B 211 50.71 11.20 -12.30
CA GLY B 211 50.01 10.60 -11.17
C GLY B 211 48.96 9.59 -11.58
N GLU B 213 49.05 7.86 -14.36
CA GLU B 213 49.84 6.71 -14.84
C GLU B 213 50.38 5.89 -13.67
N GLN B 214 50.90 6.57 -12.62
CA GLN B 214 51.37 5.88 -11.41
C GLN B 214 50.23 5.07 -10.74
N ILE B 215 49.00 5.64 -10.61
CA ILE B 215 47.85 4.91 -10.06
C ILE B 215 47.59 3.62 -10.90
N SER B 216 47.51 3.76 -12.23
CA SER B 216 47.26 2.63 -13.12
C SER B 216 48.36 1.55 -13.03
N GLU B 217 49.65 1.96 -13.04
CA GLU B 217 50.76 1.00 -12.94
C GLU B 217 50.80 0.34 -11.56
N GLN B 218 50.42 1.07 -10.48
CA GLN B 218 50.40 0.48 -9.15
C GLN B 218 49.24 -0.53 -9.03
N ILE B 219 48.12 -0.33 -9.74
CA ILE B 219 47.02 -1.30 -9.71
C ILE B 219 47.51 -2.59 -10.42
N LYS B 220 48.14 -2.50 -11.59
CA LYS B 220 48.65 -3.68 -12.31
C LYS B 220 49.64 -4.49 -11.50
N PHE B 222 49.80 -4.60 -8.26
CA PHE B 222 49.01 -5.27 -7.20
C PHE B 222 48.33 -6.52 -7.79
N ARG B 224 49.22 -8.32 -10.55
CA ARG B 224 50.26 -9.28 -10.91
C ARG B 224 50.75 -10.11 -9.70
N LYS B 225 51.04 -9.45 -8.54
CA LYS B 225 51.52 -10.17 -7.35
C LYS B 225 50.39 -10.96 -6.69
N GLN C 20 36.25 -16.19 -18.52
CA GLN C 20 36.57 -15.66 -17.19
C GLN C 20 35.35 -14.93 -16.60
N SER C 21 34.67 -14.08 -17.41
CA SER C 21 33.48 -13.33 -16.98
C SER C 21 32.31 -14.28 -16.60
N LEU C 22 31.80 -14.16 -15.37
CA LEU C 22 30.74 -15.00 -14.83
C LEU C 22 29.40 -14.57 -15.34
N LYS C 23 28.52 -15.52 -15.64
CA LYS C 23 27.16 -15.26 -16.11
C LYS C 23 26.35 -14.48 -15.05
N SER C 24 25.50 -13.56 -15.47
CA SER C 24 24.66 -12.79 -14.56
C SER C 24 23.22 -13.23 -14.69
N ILE C 25 22.44 -13.05 -13.61
CA ILE C 25 21.06 -13.51 -13.53
C ILE C 25 20.12 -12.36 -13.18
N SER C 26 19.00 -12.23 -13.90
CA SER C 26 17.92 -11.30 -13.55
C SER C 26 16.70 -12.13 -13.09
N ILE C 27 15.83 -11.52 -12.30
CA ILE C 27 14.64 -12.16 -11.79
C ILE C 27 13.43 -11.31 -12.14
N LEU C 28 12.39 -11.96 -12.66
CA LEU C 28 11.09 -11.34 -12.91
C LEU C 28 10.21 -12.08 -11.95
N GLY C 29 9.88 -11.46 -10.81
CA GLY C 29 9.11 -12.14 -9.78
C GLY C 29 8.01 -11.35 -9.13
N ASP C 30 7.61 -11.80 -7.96
CA ASP C 30 6.50 -11.23 -7.18
C ASP C 30 6.99 -11.10 -5.72
N SER C 31 6.10 -11.20 -4.69
CA SER C 31 6.44 -11.16 -3.27
C SER C 31 7.64 -12.05 -2.93
N TYR C 32 7.68 -13.30 -3.45
CA TYR C 32 8.71 -14.30 -3.08
C TYR C 32 10.14 -13.90 -3.47
N SER C 33 10.32 -12.99 -4.42
CA SER C 33 11.60 -12.51 -4.97
C SER C 33 11.86 -11.05 -4.60
N THR C 34 11.03 -10.44 -3.73
CA THR C 34 11.31 -9.08 -3.32
C THR C 34 12.23 -9.05 -2.11
N PHE C 35 12.98 -7.97 -1.99
CA PHE C 35 13.77 -7.65 -0.80
C PHE C 35 14.03 -6.16 -0.83
N GLU C 36 13.70 -5.48 0.26
CA GLU C 36 13.88 -4.03 0.43
C GLU C 36 15.26 -3.58 -0.04
N GLY C 37 15.28 -2.65 -1.00
CA GLY C 37 16.51 -2.07 -1.54
C GLY C 37 17.18 -2.79 -2.67
N TYR C 38 16.64 -3.92 -3.16
CA TYR C 38 17.22 -4.72 -4.26
C TYR C 38 16.30 -4.79 -5.48
N LEU C 39 15.25 -3.95 -5.53
CA LEU C 39 14.27 -3.96 -6.62
C LEU C 39 14.48 -2.83 -7.62
N GLN C 40 14.37 -3.14 -8.91
CA GLN C 40 14.43 -2.15 -9.98
C GLN C 40 13.16 -2.29 -10.82
N PRO C 41 12.34 -1.22 -10.99
CA PRO C 41 12.50 0.13 -10.42
C PRO C 41 12.31 0.09 -8.90
N ASP C 42 12.93 1.03 -8.19
CA ASP C 42 12.88 1.10 -6.73
C ASP C 42 11.47 1.41 -6.18
N THR C 43 10.50 1.77 -7.05
CA THR C 43 9.13 2.04 -6.64
C THR C 43 8.29 0.75 -6.55
N ASN C 44 8.85 -0.45 -6.91
CA ASN C 44 8.11 -1.74 -6.82
C ASN C 44 7.71 -2.06 -5.38
N SER C 45 6.55 -2.72 -5.20
CA SER C 45 6.10 -3.09 -3.86
C SER C 45 6.98 -4.21 -3.29
N ILE C 46 7.33 -4.09 -2.01
CA ILE C 46 8.19 -5.02 -1.30
C ILE C 46 7.39 -5.87 -0.33
N TRP C 47 7.75 -7.17 -0.20
CA TRP C 47 7.16 -8.03 0.83
C TRP C 47 8.18 -8.23 1.97
N TYR C 48 9.43 -8.56 1.62
CA TYR C 48 10.52 -8.77 2.59
C TYR C 48 11.32 -7.51 2.91
N TYR C 49 11.19 -7.02 4.17
CA TYR C 49 11.92 -5.88 4.70
C TYR C 49 13.02 -6.36 5.62
N VAL C 50 14.00 -5.47 5.87
CA VAL C 50 15.12 -5.76 6.76
C VAL C 50 14.56 -6.02 8.16
N SER C 51 13.71 -5.09 8.65
CA SER C 51 12.94 -5.23 9.88
C SER C 51 11.58 -5.72 9.43
N PRO C 52 11.23 -7.03 9.57
CA PRO C 52 9.99 -7.52 8.96
C PRO C 52 8.70 -6.81 9.39
N ARG C 53 7.88 -6.49 8.39
CA ARG C 53 6.57 -5.87 8.57
C ARG C 53 5.55 -6.98 8.93
N GLN C 54 5.53 -8.08 8.12
CA GLN C 54 4.64 -9.25 8.34
C GLN C 54 5.34 -10.24 9.30
N GLN C 55 4.74 -11.39 9.61
CA GLN C 55 5.43 -12.33 10.51
C GLN C 55 6.13 -13.37 9.64
N THR C 56 7.47 -13.18 9.51
CA THR C 56 8.42 -14.03 8.77
C THR C 56 9.72 -14.04 9.56
N ASP C 57 10.52 -15.09 9.39
CA ASP C 57 11.83 -15.16 10.07
C ASP C 57 12.95 -14.61 9.16
N VAL C 58 12.65 -14.34 7.86
CA VAL C 58 13.64 -13.80 6.90
C VAL C 58 13.90 -12.29 7.21
N THR C 59 15.15 -11.90 7.43
CA THR C 59 15.52 -10.51 7.71
C THR C 59 16.68 -9.98 6.85
N SER C 60 17.28 -10.82 5.99
CA SER C 60 18.43 -10.45 5.18
C SER C 60 18.28 -10.93 3.72
N VAL C 61 18.85 -10.17 2.78
CA VAL C 61 18.89 -10.52 1.36
C VAL C 61 19.70 -11.82 1.17
N LYS C 62 20.67 -12.07 2.06
CA LYS C 62 21.53 -13.27 2.01
C LYS C 62 20.72 -14.53 2.18
N GLN C 63 19.54 -14.45 2.85
CA GLN C 63 18.65 -15.59 3.05
C GLN C 63 17.65 -15.83 1.91
N THR C 64 17.50 -14.90 0.95
CA THR C 64 16.59 -15.10 -0.18
C THR C 64 17.06 -16.23 -1.09
N TRP C 65 16.11 -16.91 -1.76
CA TRP C 65 16.39 -18.02 -2.68
C TRP C 65 17.30 -17.59 -3.83
N TRP C 66 17.09 -16.38 -4.36
CA TRP C 66 17.80 -15.86 -5.51
C TRP C 66 19.21 -15.41 -5.15
N HIS C 67 19.41 -14.72 -4.03
CA HIS C 67 20.76 -14.32 -3.61
C HIS C 67 21.61 -15.57 -3.33
N LYS C 68 20.99 -16.56 -2.62
CA LYS C 68 21.61 -17.83 -2.28
C LYS C 68 22.06 -18.60 -3.50
N PHE C 69 21.14 -18.81 -4.46
CA PHE C 69 21.45 -19.49 -5.73
C PHE C 69 22.55 -18.77 -6.47
N ILE C 70 22.43 -17.44 -6.65
CA ILE C 70 23.41 -16.63 -7.40
C ILE C 70 24.78 -16.69 -6.75
N LYS C 71 24.85 -16.40 -5.44
CA LYS C 71 26.11 -16.36 -4.75
C LYS C 71 26.81 -17.72 -4.68
N GLU C 72 26.06 -18.77 -4.33
CA GLU C 72 26.61 -20.12 -4.14
C GLU C 72 26.95 -20.86 -5.43
N ASN C 73 26.32 -20.53 -6.59
CA ASN C 73 26.63 -21.19 -7.86
C ASN C 73 27.50 -20.32 -8.79
N ASN C 74 28.26 -19.38 -8.21
CA ASN C 74 29.26 -18.56 -8.91
C ASN C 74 28.68 -17.71 -10.06
N TYR C 75 27.55 -17.03 -9.78
CA TYR C 75 26.90 -16.12 -10.73
C TYR C 75 26.91 -14.69 -10.18
N ARG C 76 26.56 -13.74 -11.04
CA ARG C 76 26.41 -12.34 -10.68
C ARG C 76 24.91 -11.98 -10.66
N LEU C 77 24.57 -10.94 -9.90
CA LEU C 77 23.19 -10.42 -9.87
C LEU C 77 23.06 -9.34 -10.96
N CYS C 78 22.04 -9.41 -11.82
CA CYS C 78 21.83 -8.38 -12.82
C CYS C 78 20.67 -7.49 -12.34
N VAL C 79 19.43 -7.77 -12.67
CA VAL C 79 18.30 -6.94 -12.25
C VAL C 79 17.27 -7.83 -11.59
N ASN C 80 16.76 -7.40 -10.43
CA ASN C 80 15.66 -8.09 -9.80
C ASN C 80 14.44 -7.20 -9.97
N ASN C 81 13.60 -7.51 -10.94
CA ASN C 81 12.37 -6.78 -11.17
C ASN C 81 11.23 -7.60 -10.56
N SER C 82 11.09 -7.50 -9.22
CA SER C 82 10.03 -8.21 -8.52
C SER C 82 9.06 -7.18 -7.89
N PHE C 83 7.76 -7.51 -7.84
CA PHE C 83 6.71 -6.60 -7.37
C PHE C 83 5.72 -7.40 -6.54
N SER C 84 5.59 -7.06 -5.25
CA SER C 84 4.73 -7.78 -4.31
C SER C 84 3.27 -7.77 -4.73
N GLY C 85 2.69 -8.96 -4.78
CA GLY C 85 1.30 -9.12 -5.18
C GLY C 85 1.08 -9.03 -6.67
N ALA C 86 2.14 -8.99 -7.52
CA ALA C 86 1.93 -8.92 -8.99
C ALA C 86 1.45 -10.27 -9.61
N THR C 87 0.58 -10.14 -10.60
CA THR C 87 0.05 -11.25 -11.39
C THR C 87 0.74 -11.29 -12.74
N ILE C 88 0.79 -12.48 -13.35
CA ILE C 88 1.31 -12.66 -14.70
C ILE C 88 0.42 -11.93 -15.70
N CYS C 89 -0.91 -12.08 -15.54
CA CYS C 89 -1.91 -11.45 -16.41
C CYS C 89 -2.32 -10.10 -15.80
N ASN C 90 -3.17 -9.34 -16.52
CA ASN C 90 -3.60 -8.01 -16.11
C ASN C 90 -4.85 -7.98 -15.20
N THR C 91 -5.36 -9.15 -14.71
CA THR C 91 -6.45 -9.18 -13.72
C THR C 91 -5.86 -9.52 -12.36
N GLY C 92 -6.04 -8.63 -11.39
CA GLY C 92 -5.56 -8.80 -10.03
C GLY C 92 -6.62 -9.22 -9.04
N TYR C 93 -6.35 -8.98 -7.77
CA TYR C 93 -7.26 -9.29 -6.65
C TYR C 93 -8.54 -8.46 -6.75
N ASN C 94 -9.70 -9.10 -6.51
CA ASN C 94 -11.02 -8.46 -6.60
C ASN C 94 -11.29 -7.88 -8.01
N GLN C 95 -10.83 -8.58 -9.07
CA GLN C 95 -11.07 -8.20 -10.47
C GLN C 95 -10.40 -6.84 -10.85
N ALA C 96 -9.44 -6.35 -10.06
CA ALA C 96 -8.81 -5.06 -10.32
C ALA C 96 -7.88 -5.13 -11.52
N ASP C 97 -7.69 -3.99 -12.21
CA ASP C 97 -6.80 -3.91 -13.37
C ASP C 97 -5.35 -3.78 -12.88
N TYR C 98 -4.53 -4.83 -13.12
CA TYR C 98 -3.12 -4.88 -12.71
C TYR C 98 -2.16 -4.66 -13.91
N SER C 99 -2.62 -3.91 -14.95
CA SER C 99 -1.82 -3.62 -16.13
C SER C 99 -0.54 -2.84 -15.79
N ASP C 100 -0.56 -2.03 -14.72
CA ASP C 100 0.60 -1.23 -14.27
C ASP C 100 1.74 -2.06 -13.66
N ARG C 101 1.43 -3.21 -13.04
CA ARG C 101 2.41 -4.04 -12.31
C ARG C 101 2.52 -5.49 -12.78
N SER C 102 1.84 -5.91 -13.88
CA SER C 102 1.88 -7.32 -14.31
C SER C 102 3.27 -7.75 -14.82
N PHE C 103 3.52 -9.07 -14.90
CA PHE C 103 4.80 -9.56 -15.41
C PHE C 103 4.98 -9.18 -16.89
N ILE C 104 3.88 -9.29 -17.67
CA ILE C 104 3.90 -8.97 -19.10
C ILE C 104 4.15 -7.46 -19.37
N THR C 105 3.90 -6.59 -18.37
CA THR C 105 4.19 -5.17 -18.47
C THR C 105 5.65 -4.89 -18.10
N ARG C 106 6.15 -5.59 -17.06
CA ARG C 106 7.49 -5.39 -16.48
C ARG C 106 8.61 -6.22 -17.17
N ASP C 108 10.09 -6.16 -20.00
CA ASP C 108 11.09 -5.47 -20.82
CA ASP C 108 11.07 -5.46 -20.83
C ASP C 108 12.15 -4.73 -19.98
N LYS C 109 12.06 -4.75 -18.63
CA LYS C 109 13.05 -4.03 -17.84
C LYS C 109 13.79 -4.98 -16.87
N LEU C 110 14.68 -5.83 -17.42
CA LEU C 110 15.47 -6.83 -16.71
C LEU C 110 16.97 -6.71 -16.98
N GLY C 111 17.45 -5.55 -17.44
CA GLY C 111 18.86 -5.34 -17.75
C GLY C 111 19.33 -6.15 -18.95
N CYS C 112 20.63 -6.55 -18.94
CA CYS C 112 21.20 -7.39 -20.00
C CYS C 112 21.76 -8.67 -19.36
N PRO C 113 20.91 -9.63 -18.97
CA PRO C 113 21.42 -10.82 -18.28
C PRO C 113 21.78 -11.97 -19.21
N ASP C 114 22.44 -13.00 -18.65
CA ASP C 114 22.78 -14.26 -19.32
C ASP C 114 21.72 -15.32 -19.03
N ILE C 115 21.04 -15.21 -17.87
CA ILE C 115 20.02 -16.12 -17.38
C ILE C 115 18.86 -15.31 -16.81
N ILE C 116 17.62 -15.76 -17.01
CA ILE C 116 16.48 -15.10 -16.37
C ILE C 116 15.66 -16.14 -15.65
N PHE C 117 15.26 -15.88 -14.37
CA PHE C 117 14.29 -16.69 -13.67
C PHE C 117 12.97 -15.95 -13.69
N ILE C 118 11.92 -16.61 -14.11
CA ILE C 118 10.56 -16.07 -14.02
C ILE C 118 9.92 -16.79 -12.81
N PHE C 119 9.51 -16.06 -11.77
CA PHE C 119 8.88 -16.71 -10.64
C PHE C 119 7.54 -16.03 -10.36
N GLY C 120 6.51 -16.53 -11.01
CA GLY C 120 5.17 -15.98 -10.87
C GLY C 120 4.09 -17.01 -11.03
N ALA C 121 2.83 -16.53 -10.97
CA ALA C 121 1.55 -17.29 -11.14
C ALA C 121 0.85 -17.57 -9.80
N THR C 122 1.53 -17.37 -8.66
CA THR C 122 0.93 -17.52 -7.33
C THR C 122 -0.21 -16.54 -7.15
N ASN C 123 0.01 -15.27 -7.49
CA ASN C 123 -1.04 -14.27 -7.35
C ASN C 123 -2.21 -14.50 -8.30
N ASP C 124 -1.93 -14.92 -9.54
CA ASP C 124 -3.03 -15.23 -10.48
C ASP C 124 -3.93 -16.35 -9.91
N CYS C 125 -3.30 -17.33 -9.24
CA CYS C 125 -3.97 -18.47 -8.62
C CYS C 125 -4.85 -18.01 -7.47
N TRP C 126 -4.34 -17.20 -6.54
CA TRP C 126 -5.10 -16.76 -5.36
C TRP C 126 -5.95 -15.51 -5.57
N ALA C 127 -5.73 -14.74 -6.64
CA ALA C 127 -6.59 -13.62 -6.98
C ALA C 127 -7.85 -14.11 -7.64
N GLY C 128 -7.81 -15.32 -8.21
CA GLY C 128 -8.93 -15.88 -8.94
C GLY C 128 -8.98 -15.27 -10.34
N SER C 129 -7.79 -14.99 -10.93
CA SER C 129 -7.73 -14.43 -12.28
C SER C 129 -8.32 -15.43 -13.27
N PRO C 130 -9.12 -14.98 -14.25
CA PRO C 130 -9.74 -15.96 -15.17
C PRO C 130 -8.65 -16.74 -15.87
N LEU C 131 -8.81 -18.07 -15.92
CA LEU C 131 -7.82 -18.94 -16.54
C LEU C 131 -7.72 -18.72 -18.10
N GLY C 132 -8.86 -18.52 -18.75
CA GLY C 132 -8.92 -18.29 -20.19
C GLY C 132 -8.61 -19.51 -21.02
N ASP C 133 -8.46 -19.32 -22.34
CA ASP C 133 -8.12 -20.37 -23.29
C ASP C 133 -6.65 -20.26 -23.68
N TYR C 134 -6.02 -21.38 -24.10
CA TYR C 134 -4.66 -21.33 -24.63
C TYR C 134 -4.65 -20.52 -25.92
N LYS C 135 -3.72 -19.53 -26.03
CA LYS C 135 -3.60 -18.66 -27.21
C LYS C 135 -2.11 -18.42 -27.45
N TYR C 136 -1.58 -18.81 -28.62
CA TYR C 136 -0.15 -18.70 -28.91
C TYR C 136 0.17 -17.61 -29.96
N GLU C 137 -0.82 -16.76 -30.32
CA GLU C 137 -0.59 -15.62 -31.23
C GLU C 137 -1.83 -14.71 -31.26
N GLY C 138 -1.68 -13.53 -31.83
CA GLY C 138 -2.77 -12.56 -32.01
C GLY C 138 -3.41 -12.04 -30.75
N TRP C 139 -2.66 -12.01 -29.65
CA TRP C 139 -3.14 -11.58 -28.33
C TRP C 139 -3.70 -10.16 -28.37
N THR C 140 -4.95 -9.98 -27.93
CA THR C 140 -5.60 -8.68 -27.82
C THR C 140 -5.48 -8.18 -26.38
N LYS C 141 -5.89 -6.92 -26.11
CA LYS C 141 -5.87 -6.36 -24.76
C LYS C 141 -6.82 -7.15 -23.84
N GLU C 142 -7.96 -7.60 -24.40
CA GLU C 142 -8.97 -8.36 -23.67
C GLU C 142 -8.41 -9.72 -23.25
N ASP C 143 -7.68 -10.41 -24.17
CA ASP C 143 -7.04 -11.71 -23.88
C ASP C 143 -6.02 -11.66 -22.74
N LEU C 144 -5.20 -10.59 -22.68
CA LEU C 144 -4.15 -10.44 -21.67
C LEU C 144 -4.69 -10.23 -20.24
N TYR C 145 -6.02 -10.09 -20.05
CA TYR C 145 -6.64 -10.04 -18.73
C TYR C 145 -6.85 -11.46 -18.21
N THR C 146 -6.64 -12.51 -19.04
CA THR C 146 -6.82 -13.91 -18.63
C THR C 146 -5.42 -14.56 -18.58
N PHE C 147 -5.31 -15.68 -17.84
CA PHE C 147 -4.01 -16.31 -17.55
C PHE C 147 -3.28 -16.98 -18.72
N ARG C 148 -3.88 -18.00 -19.38
CA ARG C 148 -3.15 -18.70 -20.45
C ARG C 148 -2.64 -17.78 -21.57
N PRO C 149 -3.46 -16.87 -22.14
CA PRO C 149 -2.91 -15.96 -23.16
C PRO C 149 -1.75 -15.08 -22.60
N ALA C 150 -1.84 -14.58 -21.33
CA ALA C 150 -0.78 -13.74 -20.71
C ALA C 150 0.51 -14.54 -20.46
N ALA C 152 1.48 -17.22 -22.30
CA ALA C 152 2.06 -17.42 -23.62
C ALA C 152 2.70 -16.16 -24.17
N TYR C 153 2.03 -15.01 -24.04
CA TYR C 153 2.52 -13.70 -24.47
C TYR C 153 3.82 -13.38 -23.73
N LEU C 154 3.92 -13.72 -22.42
CA LEU C 154 5.13 -13.49 -21.62
C LEU C 154 6.32 -14.24 -22.23
N LEU C 155 6.19 -15.58 -22.42
CA LEU C 155 7.30 -16.39 -22.94
C LEU C 155 7.65 -16.06 -24.37
N ASP C 156 6.65 -15.84 -25.22
CA ASP C 156 6.90 -15.50 -26.60
C ASP C 156 7.77 -14.21 -26.71
N HIS C 157 7.30 -13.13 -26.10
CA HIS C 157 7.96 -11.83 -26.13
C HIS C 157 9.31 -11.84 -25.45
N ILE C 159 11.41 -14.54 -25.18
CA ILE C 159 12.35 -15.31 -26.02
C ILE C 159 12.94 -14.37 -27.10
N ASP C 160 12.11 -13.49 -27.70
CA ASP C 160 12.54 -12.54 -28.71
C ASP C 160 13.33 -11.35 -28.11
N ARG C 161 12.91 -10.83 -26.97
CA ARG C 161 13.58 -9.70 -26.29
C ARG C 161 14.93 -10.14 -25.72
N TYR C 162 15.08 -11.41 -25.32
CA TYR C 162 16.33 -11.86 -24.69
C TYR C 162 16.92 -13.01 -25.48
N PRO C 163 17.39 -12.76 -26.74
CA PRO C 163 17.94 -13.87 -27.54
C PRO C 163 19.18 -14.50 -26.90
N ASN C 164 19.21 -15.85 -26.90
CA ASN C 164 20.28 -16.68 -26.39
C ASN C 164 20.47 -16.54 -24.87
N VAL C 165 19.43 -16.09 -24.14
CA VAL C 165 19.43 -15.97 -22.69
C VAL C 165 18.72 -17.21 -22.19
N GLU C 166 19.27 -17.91 -21.17
CA GLU C 166 18.62 -19.10 -20.60
C GLU C 166 17.45 -18.65 -19.74
N ILE C 167 16.22 -19.09 -20.06
CA ILE C 167 15.03 -18.69 -19.30
C ILE C 167 14.45 -19.92 -18.59
N TYR C 168 14.18 -19.76 -17.29
CA TYR C 168 13.66 -20.80 -16.43
C TYR C 168 12.44 -20.30 -15.73
N PHE C 169 11.35 -21.02 -15.84
CA PHE C 169 10.14 -20.68 -15.10
C PHE C 169 10.19 -21.43 -13.78
N LEU C 170 10.00 -20.74 -12.65
CA LEU C 170 9.92 -21.38 -11.32
C LEU C 170 8.46 -21.50 -10.94
N LEU C 171 7.97 -22.72 -10.71
CA LEU C 171 6.56 -22.92 -10.38
C LEU C 171 6.43 -23.16 -8.90
N ASN C 172 5.71 -22.28 -8.20
CA ASN C 172 5.50 -22.40 -6.77
C ASN C 172 4.74 -23.70 -6.44
N SER C 173 4.97 -24.25 -5.22
CA SER C 173 4.28 -25.40 -4.74
C SER C 173 2.98 -24.93 -4.13
N GLY C 174 2.00 -25.84 -4.03
CA GLY C 174 0.71 -25.57 -3.43
C GLY C 174 -0.29 -24.73 -4.22
N LEU C 175 -0.13 -24.58 -5.55
CA LEU C 175 -1.10 -23.84 -6.39
C LEU C 175 -2.17 -24.79 -6.95
N LYS C 176 -3.29 -24.24 -7.47
CA LYS C 176 -4.38 -25.05 -8.06
C LYS C 176 -3.83 -25.77 -9.29
N GLU C 177 -4.26 -27.02 -9.52
CA GLU C 177 -3.73 -27.83 -10.62
C GLU C 177 -4.00 -27.21 -11.99
N GLU C 178 -5.08 -26.42 -12.15
CA GLU C 178 -5.39 -25.75 -13.41
C GLU C 178 -4.28 -24.78 -13.78
N PHE C 179 -3.63 -24.14 -12.77
CA PHE C 179 -2.51 -23.21 -12.99
C PHE C 179 -1.23 -24.01 -13.21
N ASN C 180 -1.00 -25.10 -12.45
CA ASN C 180 0.18 -25.95 -12.64
C ASN C 180 0.26 -26.52 -14.03
N GLU C 181 -0.87 -27.07 -14.52
CA GLU C 181 -0.97 -27.69 -15.83
C GLU C 181 -0.86 -26.64 -16.93
N SER C 182 -1.53 -25.48 -16.78
CA SER C 182 -1.41 -24.38 -17.77
C SER C 182 0.04 -23.92 -17.90
N VAL C 183 0.74 -23.65 -16.77
CA VAL C 183 2.14 -23.19 -16.76
C VAL C 183 3.05 -24.23 -17.46
N ARG C 184 2.89 -25.51 -17.08
CA ARG C 184 3.64 -26.64 -17.63
C ARG C 184 3.38 -26.83 -19.15
N ALA C 185 2.13 -26.70 -19.61
CA ALA C 185 1.82 -26.84 -21.05
C ALA C 185 2.38 -25.66 -21.86
N ILE C 186 2.24 -24.42 -21.36
CA ILE C 186 2.71 -23.24 -22.09
C ILE C 186 4.26 -23.23 -22.11
N CYS C 187 4.92 -23.62 -21.01
CA CYS C 187 6.40 -23.70 -20.97
C CYS C 187 6.89 -24.75 -22.01
N ASN C 188 6.20 -25.91 -22.12
CA ASN C 188 6.55 -26.98 -23.06
CA ASN C 188 6.55 -26.97 -23.09
C ASN C 188 6.42 -26.48 -24.53
N HIS C 189 5.37 -25.68 -24.82
CA HIS C 189 5.13 -25.10 -26.17
C HIS C 189 6.31 -24.25 -26.61
N TYR C 190 6.85 -23.43 -25.68
CA TYR C 190 7.96 -22.53 -25.96
C TYR C 190 9.34 -23.14 -25.64
N ASN C 191 9.41 -24.44 -25.29
CA ASN C 191 10.66 -25.15 -24.99
C ASN C 191 11.41 -24.49 -23.82
N ILE C 192 10.67 -23.95 -22.83
CA ILE C 192 11.22 -23.30 -21.63
C ILE C 192 11.22 -24.29 -20.50
N ASP C 193 12.32 -24.39 -19.74
CA ASP C 193 12.36 -25.29 -18.58
C ASP C 193 11.45 -24.74 -17.48
N CYS C 194 10.62 -25.61 -16.91
CA CYS C 194 9.71 -25.27 -15.82
C CYS C 194 10.17 -26.07 -14.62
N ILE C 195 10.69 -25.41 -13.60
CA ILE C 195 11.22 -26.05 -12.40
C ILE C 195 10.06 -26.11 -11.40
N GLU C 196 9.57 -27.33 -11.11
CA GLU C 196 8.43 -27.54 -10.26
C GLU C 196 8.88 -27.66 -8.82
N LEU C 197 8.66 -26.59 -8.06
CA LEU C 197 9.02 -26.56 -6.64
C LEU C 197 8.05 -27.44 -5.85
N HIS C 198 8.55 -28.11 -4.79
CA HIS C 198 7.72 -28.98 -3.94
C HIS C 198 8.06 -28.78 -2.49
N ASP C 199 7.04 -28.88 -1.62
CA ASP C 199 7.19 -28.85 -0.16
C ASP C 199 8.00 -27.67 0.33
N ILE C 200 7.74 -26.44 -0.19
CA ILE C 200 8.47 -25.26 0.25
C ILE C 200 7.89 -24.82 1.60
N ASP C 201 8.72 -24.75 2.64
CA ASP C 201 8.27 -24.37 4.00
C ASP C 201 7.89 -22.89 3.99
N LYS C 202 6.67 -22.55 4.42
CA LYS C 202 6.18 -21.17 4.37
C LYS C 202 5.67 -20.65 5.72
N LYS C 203 5.69 -19.32 5.88
CA LYS C 203 5.17 -18.56 7.04
C LYS C 203 4.42 -17.37 6.46
N SER C 204 3.12 -17.18 6.76
CA SER C 204 2.29 -16.11 6.18
C SER C 204 2.17 -16.30 4.65
N GLY C 205 2.12 -17.57 4.24
CA GLY C 205 2.05 -17.94 2.83
C GLY C 205 3.26 -17.59 1.99
N HIS C 206 4.39 -17.24 2.62
CA HIS C 206 5.62 -16.84 1.90
C HIS C 206 6.80 -17.66 2.38
N PRO C 207 7.82 -17.94 1.57
CA PRO C 207 8.94 -18.77 2.08
C PRO C 207 9.60 -18.25 3.37
N SER C 208 9.89 -19.20 4.26
CA SER C 208 10.65 -18.94 5.46
C SER C 208 12.14 -19.03 5.10
N ILE C 209 13.05 -18.94 6.08
CA ILE C 209 14.49 -19.12 5.84
C ILE C 209 14.72 -20.52 5.23
N LYS C 210 14.06 -21.53 5.80
CA LYS C 210 14.10 -22.93 5.34
C LYS C 210 13.57 -23.05 3.94
N GLY C 211 12.44 -22.38 3.67
CA GLY C 211 11.79 -22.38 2.36
C GLY C 211 12.64 -21.75 1.29
N GLU C 213 15.91 -21.65 1.32
CA GLU C 213 16.99 -22.62 1.12
C GLU C 213 16.50 -23.79 0.26
N GLN C 214 15.28 -24.29 0.53
CA GLN C 214 14.69 -25.36 -0.28
C GLN C 214 14.53 -24.92 -1.74
N ILE C 215 14.04 -23.68 -2.01
CA ILE C 215 13.93 -23.16 -3.39
C ILE C 215 15.31 -23.19 -4.09
N SER C 216 16.35 -22.65 -3.44
CA SER C 216 17.71 -22.61 -4.02
CA SER C 216 17.69 -22.61 -4.05
C SER C 216 18.26 -24.01 -4.26
N GLU C 217 18.11 -24.94 -3.29
CA GLU C 217 18.63 -26.31 -3.46
C GLU C 217 17.84 -27.05 -4.55
N GLN C 218 16.52 -26.79 -4.69
CA GLN C 218 15.72 -27.44 -5.73
C GLN C 218 16.09 -26.91 -7.12
N ILE C 219 16.53 -25.63 -7.24
CA ILE C 219 16.98 -25.09 -8.53
C ILE C 219 18.28 -25.79 -8.88
N LYS C 220 19.22 -25.90 -7.90
CA LYS C 220 20.51 -26.57 -8.15
C LYS C 220 20.28 -28.04 -8.57
N PHE C 222 17.70 -29.30 -10.15
CA PHE C 222 17.22 -29.24 -11.54
C PHE C 222 18.38 -28.95 -12.53
N ARG C 224 21.63 -29.68 -11.99
CA ARG C 224 22.48 -30.88 -12.02
C ARG C 224 21.82 -31.97 -12.92
N LYS C 225 20.47 -32.07 -12.93
CA LYS C 225 19.78 -33.04 -13.81
C LYS C 225 19.84 -32.56 -15.29
N THR C 226 19.56 -31.24 -15.52
CA THR C 226 19.59 -30.56 -16.82
C THR C 226 20.87 -29.73 -16.98
N GLN D 20 -12.97 -13.24 11.85
CA GLN D 20 -13.93 -13.11 10.74
C GLN D 20 -14.43 -11.66 10.66
N SER D 21 -14.84 -11.05 11.78
CA SER D 21 -15.34 -9.67 11.85
C SER D 21 -14.23 -8.66 11.51
N LEU D 22 -14.46 -7.81 10.51
CA LEU D 22 -13.51 -6.82 10.01
C LEU D 22 -13.45 -5.62 10.90
N LYS D 23 -12.26 -5.06 11.12
CA LYS D 23 -12.08 -3.86 11.93
C LYS D 23 -12.83 -2.66 11.30
N SER D 24 -13.41 -1.78 12.14
CA SER D 24 -14.12 -0.59 11.64
C SER D 24 -13.29 0.66 11.96
N ILE D 25 -13.48 1.71 11.16
CA ILE D 25 -12.71 2.95 11.26
C ILE D 25 -13.62 4.15 11.43
N SER D 26 -13.23 5.06 12.36
CA SER D 26 -13.90 6.34 12.59
C SER D 26 -12.96 7.47 12.16
N ILE D 27 -13.52 8.61 11.72
CA ILE D 27 -12.73 9.75 11.32
C ILE D 27 -13.14 10.96 12.15
N LEU D 28 -12.13 11.71 12.65
CA LEU D 28 -12.36 12.97 13.36
C LEU D 28 -11.71 13.95 12.47
N GLY D 29 -12.47 14.65 11.63
CA GLY D 29 -11.87 15.54 10.63
C GLY D 29 -12.43 16.93 10.46
N ASP D 30 -11.99 17.58 9.37
CA ASP D 30 -12.39 18.94 9.00
C ASP D 30 -12.96 18.86 7.56
N SER D 31 -12.86 19.91 6.74
CA SER D 31 -13.37 19.94 5.38
C SER D 31 -12.89 18.77 4.50
N TYR D 32 -11.64 18.33 4.67
CA TYR D 32 -11.02 17.29 3.83
C TYR D 32 -11.66 15.91 4.00
N SER D 33 -12.32 15.68 5.14
CA SER D 33 -12.91 14.41 5.47
C SER D 33 -14.44 14.49 5.44
N THR D 34 -15.04 15.60 4.95
CA THR D 34 -16.51 15.66 4.91
C THR D 34 -17.05 15.14 3.59
N PHE D 35 -18.32 14.71 3.61
CA PHE D 35 -19.07 14.35 2.42
C PHE D 35 -20.56 14.37 2.79
N GLU D 36 -21.35 15.11 2.01
CA GLU D 36 -22.79 15.28 2.20
C GLU D 36 -23.46 13.94 2.48
N GLY D 37 -24.14 13.83 3.63
CA GLY D 37 -24.90 12.65 4.03
C GLY D 37 -24.15 11.57 4.77
N TYR D 38 -22.83 11.74 5.03
CA TYR D 38 -22.00 10.73 5.72
C TYR D 38 -21.44 11.25 7.05
N LEU D 39 -21.96 12.38 7.56
CA LEU D 39 -21.46 13.03 8.78
C LEU D 39 -22.36 12.79 9.96
N GLN D 40 -21.76 12.50 11.12
CA GLN D 40 -22.48 12.35 12.38
C GLN D 40 -21.86 13.29 13.40
N PRO D 41 -22.63 14.23 14.01
CA PRO D 41 -24.07 14.49 13.80
C PRO D 41 -24.30 15.06 12.39
N ASP D 42 -25.50 14.83 11.84
CA ASP D 42 -25.86 15.29 10.49
C ASP D 42 -25.90 16.83 10.35
N THR D 43 -25.83 17.58 11.47
CA THR D 43 -25.81 19.04 11.42
C THR D 43 -24.39 19.60 11.16
N ASN D 44 -23.32 18.76 11.08
CA ASN D 44 -21.95 19.24 10.84
C ASN D 44 -21.82 19.93 9.48
N SER D 45 -20.93 20.94 9.38
CA SER D 45 -20.74 21.65 8.11
C SER D 45 -20.04 20.76 7.10
N ILE D 46 -20.53 20.79 5.87
CA ILE D 46 -20.03 19.97 4.76
C ILE D 46 -19.23 20.83 3.80
N TRP D 47 -18.12 20.28 3.26
CA TRP D 47 -17.38 20.96 2.18
C TRP D 47 -17.71 20.25 0.84
N TYR D 48 -17.65 18.90 0.82
CA TYR D 48 -17.92 18.11 -0.38
C TYR D 48 -19.40 17.68 -0.52
N TYR D 49 -20.08 18.23 -1.52
CA TYR D 49 -21.46 17.91 -1.88
C TYR D 49 -21.49 17.03 -3.11
N VAL D 50 -22.62 16.33 -3.30
CA VAL D 50 -22.83 15.47 -4.47
C VAL D 50 -22.74 16.33 -5.73
N SER D 51 -23.49 17.44 -5.74
CA SER D 51 -23.45 18.47 -6.77
C SER D 51 -22.53 19.53 -6.18
N PRO D 52 -21.25 19.66 -6.60
CA PRO D 52 -20.34 20.58 -5.90
C PRO D 52 -20.78 22.04 -5.83
N ARG D 53 -20.61 22.62 -4.64
CA ARG D 53 -20.87 24.03 -4.41
C ARG D 53 -19.60 24.78 -4.79
N GLN D 54 -18.46 24.33 -4.24
CA GLN D 54 -17.15 24.91 -4.50
C GLN D 54 -16.58 24.30 -5.77
N GLN D 55 -15.59 24.96 -6.38
CA GLN D 55 -14.93 24.46 -7.59
C GLN D 55 -13.99 23.29 -7.23
N THR D 56 -14.47 22.04 -7.42
CA THR D 56 -13.75 20.78 -7.18
C THR D 56 -14.24 19.76 -8.20
N ASP D 57 -13.42 18.74 -8.49
CA ASP D 57 -13.82 17.68 -9.43
C ASP D 57 -14.46 16.49 -8.65
N VAL D 58 -14.34 16.46 -7.29
CA VAL D 58 -14.89 15.39 -6.44
C VAL D 58 -16.44 15.51 -6.38
N THR D 59 -17.18 14.44 -6.75
CA THR D 59 -18.64 14.44 -6.71
C THR D 59 -19.24 13.22 -6.00
N SER D 60 -18.43 12.26 -5.56
CA SER D 60 -18.89 11.02 -4.95
C SER D 60 -18.09 10.69 -3.67
N VAL D 61 -18.75 10.06 -2.72
CA VAL D 61 -18.13 9.56 -1.48
C VAL D 61 -17.08 8.49 -1.81
N LYS D 62 -17.27 7.77 -2.92
CA LYS D 62 -16.36 6.71 -3.36
C LYS D 62 -14.99 7.28 -3.70
N GLN D 63 -14.91 8.59 -4.07
CA GLN D 63 -13.66 9.27 -4.40
C GLN D 63 -12.92 9.85 -3.15
N THR D 64 -13.54 9.90 -1.96
CA THR D 64 -12.89 10.47 -0.77
C THR D 64 -11.77 9.55 -0.28
N TRP D 65 -10.74 10.12 0.31
CA TRP D 65 -9.57 9.40 0.82
C TRP D 65 -9.97 8.32 1.81
N TRP D 66 -10.97 8.62 2.67
CA TRP D 66 -11.39 7.73 3.77
C TRP D 66 -12.25 6.57 3.26
N HIS D 67 -13.18 6.82 2.36
CA HIS D 67 -13.99 5.71 1.79
C HIS D 67 -13.08 4.75 1.00
N LYS D 68 -12.14 5.34 0.20
CA LYS D 68 -11.17 4.60 -0.60
C LYS D 68 -10.30 3.69 0.25
N PHE D 69 -9.67 4.26 1.30
CA PHE D 69 -8.83 3.50 2.23
C PHE D 69 -9.63 2.41 2.91
N ILE D 70 -10.81 2.74 3.45
CA ILE D 70 -11.68 1.77 4.18
C ILE D 70 -12.12 0.64 3.25
N LYS D 71 -12.68 0.97 2.10
CA LYS D 71 -13.19 -0.04 1.16
C LYS D 71 -12.09 -0.94 0.59
N GLU D 72 -10.99 -0.34 0.14
CA GLU D 72 -9.90 -1.06 -0.51
C GLU D 72 -9.00 -1.87 0.44
N ASN D 73 -8.91 -1.51 1.76
CA ASN D 73 -8.09 -2.28 2.69
C ASN D 73 -8.94 -3.16 3.60
N ASN D 74 -10.14 -3.57 3.15
CA ASN D 74 -11.03 -4.54 3.81
C ASN D 74 -11.42 -4.12 5.26
N TYR D 75 -11.84 -2.86 5.42
CA TYR D 75 -12.34 -2.32 6.68
C TYR D 75 -13.81 -1.91 6.54
N ARG D 76 -14.43 -1.61 7.67
CA ARG D 76 -15.79 -1.11 7.76
C ARG D 76 -15.75 0.37 8.17
N LEU D 77 -16.81 1.12 7.80
CA LEU D 77 -16.95 2.50 8.20
C LEU D 77 -17.70 2.56 9.55
N CYS D 78 -17.18 3.31 10.55
CA CYS D 78 -17.90 3.42 11.82
C CYS D 78 -18.54 4.81 11.85
N VAL D 79 -17.88 5.84 12.37
CA VAL D 79 -18.46 7.18 12.42
C VAL D 79 -17.52 8.17 11.78
N ASN D 80 -18.04 9.03 10.91
CA ASN D 80 -17.24 10.11 10.35
C ASN D 80 -17.73 11.38 11.00
N ASN D 81 -17.01 11.86 12.02
CA ASN D 81 -17.34 13.11 12.69
C ASN D 81 -16.41 14.18 12.14
N SER D 82 -16.72 14.73 10.96
CA SER D 82 -15.92 15.78 10.33
C SER D 82 -16.77 17.05 10.17
N PHE D 83 -16.16 18.21 10.36
CA PHE D 83 -16.85 19.48 10.38
C PHE D 83 -16.02 20.46 9.59
N SER D 84 -16.59 20.98 8.48
CA SER D 84 -15.89 21.90 7.58
C SER D 84 -15.43 23.17 8.29
N GLY D 85 -14.14 23.48 8.17
CA GLY D 85 -13.52 24.66 8.78
C GLY D 85 -13.23 24.53 10.26
N ALA D 86 -13.41 23.35 10.85
CA ALA D 86 -13.18 23.16 12.29
C ALA D 86 -11.70 23.20 12.67
N THR D 87 -11.42 23.75 13.85
CA THR D 87 -10.07 23.85 14.40
C THR D 87 -9.85 22.79 15.45
N ILE D 88 -8.59 22.38 15.68
CA ILE D 88 -8.27 21.48 16.79
C ILE D 88 -8.54 22.20 18.12
N CYS D 89 -8.09 23.47 18.22
CA CYS D 89 -8.26 24.33 19.39
C CYS D 89 -9.55 25.16 19.29
N ASN D 90 -9.89 25.87 20.37
CA ASN D 90 -11.13 26.63 20.44
C ASN D 90 -11.03 28.06 19.87
N THR D 91 -9.91 28.45 19.21
CA THR D 91 -9.80 29.75 18.52
C THR D 91 -9.92 29.49 17.01
N GLY D 92 -10.92 30.09 16.38
CA GLY D 92 -11.15 29.96 14.95
C GLY D 92 -10.70 31.16 14.15
N TYR D 93 -11.27 31.30 12.95
CA TYR D 93 -10.96 32.39 12.03
C TYR D 93 -11.40 33.73 12.64
N ASN D 94 -10.57 34.78 12.50
CA ASN D 94 -10.82 36.13 13.04
C ASN D 94 -11.01 36.10 14.58
N GLN D 95 -10.23 35.23 15.27
CA GLN D 95 -10.25 35.05 16.73
C GLN D 95 -11.64 34.69 17.29
N ALA D 96 -12.51 34.06 16.47
CA ALA D 96 -13.85 33.65 16.91
C ALA D 96 -13.76 32.43 17.81
N ASP D 97 -14.73 32.28 18.72
CA ASP D 97 -14.78 31.15 19.64
C ASP D 97 -15.36 29.95 18.89
N TYR D 98 -14.52 28.91 18.67
CA TYR D 98 -14.91 27.67 17.96
C TYR D 98 -15.12 26.50 18.94
N SER D 99 -15.50 26.79 20.21
CA SER D 99 -15.74 25.76 21.23
C SER D 99 -16.87 24.80 20.83
N ASP D 100 -17.85 25.27 20.02
CA ASP D 100 -18.98 24.44 19.58
C ASP D 100 -18.60 23.37 18.54
N ARG D 101 -17.57 23.61 17.72
CA ARG D 101 -17.19 22.73 16.60
C ARG D 101 -15.74 22.21 16.65
N SER D 102 -14.96 22.47 17.72
CA SER D 102 -13.54 22.06 17.75
C SER D 102 -13.38 20.54 17.82
N PHE D 103 -12.18 20.03 17.49
CA PHE D 103 -11.92 18.59 17.56
C PHE D 103 -12.02 18.11 19.00
N ILE D 104 -11.49 18.90 19.94
CA ILE D 104 -11.49 18.56 21.37
C ILE D 104 -12.93 18.54 21.98
N THR D 105 -13.89 19.22 21.33
CA THR D 105 -15.30 19.19 21.74
C THR D 105 -16.00 17.96 21.16
N ARG D 106 -15.70 17.63 19.88
CA ARG D 106 -16.35 16.55 19.10
C ARG D 106 -15.70 15.16 19.28
N ASP D 108 -15.48 13.04 21.64
CA ASP D 108 -16.23 12.01 22.39
C ASP D 108 -17.38 11.37 21.56
N LYS D 109 -17.64 11.79 20.32
CA LYS D 109 -18.73 11.21 19.54
C LYS D 109 -18.21 10.60 18.23
N LEU D 110 -17.50 9.44 18.34
CA LEU D 110 -16.92 8.69 17.22
C LEU D 110 -17.34 7.21 17.19
N GLY D 111 -18.48 6.86 17.83
CA GLY D 111 -18.97 5.48 17.89
C GLY D 111 -18.06 4.57 18.71
N CYS D 112 -18.00 3.27 18.33
CA CYS D 112 -17.14 2.28 18.97
C CYS D 112 -16.21 1.67 17.90
N PRO D 113 -15.17 2.39 17.45
CA PRO D 113 -14.33 1.86 16.36
C PRO D 113 -13.15 1.03 16.86
N ASP D 114 -12.47 0.37 15.90
CA ASP D 114 -11.22 -0.37 16.13
C ASP D 114 -10.00 0.50 15.78
N ILE D 115 -10.20 1.47 14.87
CA ILE D 115 -9.17 2.40 14.38
C ILE D 115 -9.76 3.81 14.31
N ILE D 116 -8.99 4.85 14.64
CA ILE D 116 -9.46 6.23 14.46
C ILE D 116 -8.42 7.00 13.67
N PHE D 117 -8.85 7.76 12.63
CA PHE D 117 -7.98 8.71 11.94
C PHE D 117 -8.34 10.10 12.44
N ILE D 118 -7.35 10.86 12.87
CA ILE D 118 -7.53 12.27 13.23
C ILE D 118 -6.97 13.07 12.05
N PHE D 119 -7.76 13.88 11.37
CA PHE D 119 -7.22 14.66 10.24
C PHE D 119 -7.57 16.12 10.45
N GLY D 120 -6.70 16.83 11.16
CA GLY D 120 -6.91 18.24 11.47
C GLY D 120 -5.64 19.02 11.60
N ALA D 121 -5.78 20.34 11.92
CA ALA D 121 -4.72 21.34 12.15
C ALA D 121 -4.56 22.31 10.99
N THR D 122 -5.17 22.02 9.82
CA THR D 122 -5.15 22.91 8.67
C THR D 122 -5.81 24.24 9.00
N ASN D 123 -6.98 24.22 9.62
CA ASN D 123 -7.69 25.45 10.00
C ASN D 123 -7.01 26.22 11.11
N ASP D 124 -6.39 25.52 12.07
CA ASP D 124 -5.62 26.23 13.12
C ASP D 124 -4.45 27.02 12.48
N CYS D 125 -3.84 26.41 11.45
CA CYS D 125 -2.72 26.99 10.72
C CYS D 125 -3.17 28.24 9.95
N TRP D 126 -4.27 28.16 9.18
CA TRP D 126 -4.72 29.29 8.36
C TRP D 126 -5.63 30.27 9.09
N ALA D 127 -6.21 29.90 10.24
CA ALA D 127 -6.97 30.84 11.05
C ALA D 127 -6.06 31.76 11.84
N GLY D 128 -4.81 31.33 12.03
CA GLY D 128 -3.85 32.08 12.81
C GLY D 128 -4.12 31.87 14.29
N SER D 129 -4.55 30.63 14.66
CA SER D 129 -4.82 30.32 16.06
C SER D 129 -3.52 30.45 16.84
N PRO D 130 -3.53 31.04 18.06
CA PRO D 130 -2.28 31.16 18.81
C PRO D 130 -1.67 29.78 19.02
N LEU D 131 -0.36 29.67 18.75
CA LEU D 131 0.34 28.39 18.87
C LEU D 131 0.44 27.92 20.36
N GLY D 132 0.68 28.85 21.29
CA GLY D 132 0.78 28.56 22.71
C GLY D 132 2.03 27.80 23.09
N ASP D 133 2.07 27.32 24.34
CA ASP D 133 3.19 26.54 24.88
C ASP D 133 2.79 25.08 24.94
N TYR D 134 3.78 24.17 24.90
CA TYR D 134 3.50 22.74 25.11
C TYR D 134 2.98 22.53 26.55
N LYS D 135 1.85 21.83 26.71
CA LYS D 135 1.25 21.55 28.00
C LYS D 135 0.69 20.13 27.97
N TYR D 136 1.18 19.23 28.85
CA TYR D 136 0.77 17.84 28.85
C TYR D 136 -0.12 17.46 30.04
N GLU D 137 -0.60 18.46 30.82
CA GLU D 137 -1.54 18.22 31.94
C GLU D 137 -2.07 19.55 32.49
N GLY D 138 -3.10 19.48 33.33
CA GLY D 138 -3.71 20.63 33.98
C GLY D 138 -4.28 21.70 33.07
N TRP D 139 -4.75 21.29 31.89
CA TRP D 139 -5.31 22.18 30.89
C TRP D 139 -6.51 22.97 31.45
N THR D 140 -6.45 24.29 31.34
CA THR D 140 -7.55 25.20 31.74
C THR D 140 -8.35 25.55 30.48
N LYS D 141 -9.49 26.24 30.63
CA LYS D 141 -10.32 26.69 29.51
C LYS D 141 -9.53 27.69 28.65
N GLU D 142 -8.70 28.54 29.31
CA GLU D 142 -7.88 29.55 28.63
C GLU D 142 -6.82 28.87 27.76
N ASP D 143 -6.15 27.81 28.28
CA ASP D 143 -5.15 27.04 27.52
C ASP D 143 -5.69 26.41 26.25
N LEU D 144 -6.92 25.90 26.28
CA LEU D 144 -7.51 25.18 25.14
C LEU D 144 -7.97 26.10 24.01
N TYR D 145 -7.75 27.43 24.13
CA TYR D 145 -7.91 28.40 23.05
C TYR D 145 -6.61 28.48 22.22
N THR D 146 -5.51 27.84 22.68
CA THR D 146 -4.21 27.85 21.97
C THR D 146 -3.97 26.42 21.44
N PHE D 147 -3.11 26.29 20.42
CA PHE D 147 -2.90 25.03 19.68
C PHE D 147 -2.20 23.90 20.45
N ARG D 148 -0.96 24.09 20.92
CA ARG D 148 -0.25 22.97 21.56
C ARG D 148 -1.02 22.36 22.76
N PRO D 149 -1.56 23.15 23.71
CA PRO D 149 -2.34 22.54 24.79
C PRO D 149 -3.58 21.76 24.26
N ALA D 150 -4.36 22.27 23.26
CA ALA D 150 -5.50 21.53 22.74
C ALA D 150 -5.06 20.25 22.03
N ALA D 152 -2.44 18.38 22.69
CA ALA D 152 -2.13 17.44 23.77
C ALA D 152 -3.40 16.91 24.44
N TYR D 153 -4.30 17.82 24.81
CA TYR D 153 -5.56 17.50 25.45
C TYR D 153 -6.36 16.54 24.55
N LEU D 154 -6.33 16.72 23.21
CA LEU D 154 -7.02 15.85 22.25
C LEU D 154 -6.49 14.41 22.35
N LEU D 155 -5.16 14.21 22.21
CA LEU D 155 -4.56 12.88 22.25
C LEU D 155 -4.66 12.23 23.62
N ASP D 156 -4.45 12.99 24.68
CA ASP D 156 -4.53 12.44 26.02
C ASP D 156 -5.93 11.83 26.28
N HIS D 157 -6.97 12.65 26.08
CA HIS D 157 -8.36 12.27 26.33
C HIS D 157 -8.83 11.18 25.40
N ILE D 159 -6.86 8.74 23.97
CA ILE D 159 -6.20 7.49 24.35
C ILE D 159 -6.99 6.83 25.48
N ASP D 160 -7.48 7.62 26.46
CA ASP D 160 -8.30 7.12 27.59
C ASP D 160 -9.73 6.76 27.18
N ARG D 161 -10.35 7.55 26.31
CA ARG D 161 -11.70 7.31 25.86
CA ARG D 161 -11.71 7.28 25.89
C ARG D 161 -11.78 6.11 24.93
N TYR D 162 -10.73 5.83 24.15
CA TYR D 162 -10.73 4.74 23.17
C TYR D 162 -9.62 3.77 23.47
N PRO D 163 -9.70 3.02 24.62
CA PRO D 163 -8.60 2.11 24.96
C PRO D 163 -8.44 0.99 23.91
N ASN D 164 -7.16 0.72 23.54
CA ASN D 164 -6.75 -0.32 22.60
C ASN D 164 -7.30 -0.09 21.19
N VAL D 165 -7.60 1.18 20.84
CA VAL D 165 -8.03 1.59 19.51
C VAL D 165 -6.79 2.16 18.86
N GLU D 166 -6.49 1.78 17.62
CA GLU D 166 -5.33 2.31 16.90
C GLU D 166 -5.65 3.73 16.46
N ILE D 167 -4.85 4.73 16.89
CA ILE D 167 -5.09 6.14 16.55
C ILE D 167 -3.94 6.62 15.68
N TYR D 168 -4.31 7.26 14.55
CA TYR D 168 -3.37 7.78 13.57
C TYR D 168 -3.67 9.24 13.31
N PHE D 169 -2.70 10.09 13.46
CA PHE D 169 -2.88 11.50 13.11
C PHE D 169 -2.44 11.67 11.66
N LEU D 170 -3.28 12.28 10.83
CA LEU D 170 -2.92 12.59 9.42
C LEU D 170 -2.53 14.04 9.35
N LEU D 171 -1.31 14.34 8.89
CA LEU D 171 -0.84 15.72 8.85
C LEU D 171 -0.88 16.20 7.41
N ASN D 172 -1.68 17.25 7.16
CA ASN D 172 -1.80 17.81 5.83
C ASN D 172 -0.46 18.36 5.35
N SER D 173 -0.25 18.35 4.01
CA SER D 173 0.91 18.92 3.38
C SER D 173 0.66 20.41 3.23
N GLY D 174 1.74 21.18 3.11
CA GLY D 174 1.68 22.63 2.90
C GLY D 174 1.32 23.51 4.08
N LEU D 175 1.44 23.04 5.33
CA LEU D 175 1.16 23.88 6.53
C LEU D 175 2.44 24.55 7.03
N LYS D 176 2.30 25.56 7.94
CA LYS D 176 3.46 26.27 8.51
C LYS D 176 4.27 25.28 9.34
N GLU D 177 5.61 25.38 9.31
CA GLU D 177 6.47 24.43 10.01
C GLU D 177 6.24 24.43 11.54
N GLU D 178 5.80 25.56 12.14
CA GLU D 178 5.51 25.64 13.57
C GLU D 178 4.38 24.68 13.93
N PHE D 179 3.40 24.47 13.00
CA PHE D 179 2.29 23.53 13.21
C PHE D 179 2.77 22.10 12.93
N ASN D 180 3.59 21.89 11.89
CA ASN D 180 4.13 20.56 11.57
C ASN D 180 4.93 20.00 12.71
N GLU D 181 5.83 20.83 13.27
CA GLU D 181 6.72 20.43 14.36
C GLU D 181 5.92 20.24 15.66
N SER D 182 4.97 21.13 15.98
CA SER D 182 4.10 20.96 17.16
C SER D 182 3.32 19.64 17.10
N VAL D 183 2.67 19.35 15.95
CA VAL D 183 1.88 18.12 15.76
C VAL D 183 2.76 16.87 15.94
N ARG D 184 3.93 16.88 15.30
CA ARG D 184 4.92 15.81 15.33
C ARG D 184 5.47 15.60 16.77
N ALA D 185 5.78 16.68 17.51
CA ALA D 185 6.29 16.55 18.90
C ALA D 185 5.20 16.02 19.85
N ILE D 186 3.98 16.54 19.75
CA ILE D 186 2.90 16.11 20.64
C ILE D 186 2.49 14.65 20.31
N CYS D 187 2.45 14.25 19.02
CA CYS D 187 2.16 12.86 18.64
C CYS D 187 3.23 11.92 19.23
N ASN D 188 4.52 12.31 19.15
CA ASN D 188 5.63 11.51 19.67
C ASN D 188 5.51 11.34 21.20
N HIS D 189 5.09 12.40 21.94
CA HIS D 189 4.89 12.36 23.41
C HIS D 189 3.89 11.29 23.80
N TYR D 190 2.79 11.19 23.03
CA TYR D 190 1.72 10.24 23.29
C TYR D 190 1.88 8.92 22.52
N ASN D 191 3.01 8.70 21.82
CA ASN D 191 3.28 7.48 21.07
C ASN D 191 2.22 7.20 20.00
N ILE D 192 1.71 8.29 19.36
CA ILE D 192 0.70 8.21 18.31
C ILE D 192 1.40 8.34 16.96
N ASP D 193 1.07 7.48 16.01
CA ASP D 193 1.66 7.60 14.66
C ASP D 193 1.14 8.86 13.98
N CYS D 194 2.04 9.62 13.38
CA CYS D 194 1.72 10.84 12.65
C CYS D 194 2.11 10.59 11.21
N ILE D 195 1.13 10.50 10.30
CA ILE D 195 1.36 10.23 8.86
C ILE D 195 1.51 11.57 8.15
N GLU D 196 2.74 11.87 7.73
CA GLU D 196 3.03 13.13 7.11
C GLU D 196 2.73 13.04 5.62
N LEU D 197 1.62 13.68 5.23
CA LEU D 197 1.21 13.71 3.84
C LEU D 197 2.13 14.68 3.05
N HIS D 198 2.40 14.36 1.77
CA HIS D 198 3.24 15.19 0.92
C HIS D 198 2.65 15.29 -0.47
N ASP D 199 2.83 16.46 -1.11
CA ASP D 199 2.45 16.70 -2.49
C ASP D 199 1.02 16.29 -2.81
N ILE D 200 0.05 16.66 -1.95
CA ILE D 200 -1.34 16.30 -2.20
C ILE D 200 -1.89 17.30 -3.22
N ASP D 201 -2.39 16.79 -4.36
CA ASP D 201 -2.93 17.65 -5.43
C ASP D 201 -4.23 18.29 -4.95
N LYS D 202 -4.33 19.64 -5.00
CA LYS D 202 -5.49 20.35 -4.46
C LYS D 202 -6.15 21.28 -5.49
N LYS D 203 -7.45 21.57 -5.29
CA LYS D 203 -8.27 22.51 -6.07
C LYS D 203 -9.10 23.29 -5.04
N SER D 204 -9.01 24.62 -5.00
CA SER D 204 -9.70 25.45 -3.98
C SER D 204 -9.15 25.13 -2.58
N GLY D 205 -7.86 24.82 -2.52
CA GLY D 205 -7.17 24.45 -1.29
C GLY D 205 -7.63 23.14 -0.67
N HIS D 206 -8.37 22.31 -1.39
CA HIS D 206 -8.91 21.04 -0.87
C HIS D 206 -8.53 19.91 -1.80
N PRO D 207 -8.36 18.66 -1.32
CA PRO D 207 -7.98 17.58 -2.26
C PRO D 207 -8.91 17.40 -3.48
N SER D 208 -8.29 17.19 -4.62
CA SER D 208 -8.99 16.84 -5.84
C SER D 208 -9.20 15.32 -5.84
N ILE D 209 -9.72 14.73 -6.94
CA ILE D 209 -9.87 13.27 -7.06
C ILE D 209 -8.49 12.62 -6.92
N LYS D 210 -7.49 13.20 -7.61
CA LYS D 210 -6.10 12.77 -7.55
C LYS D 210 -5.56 12.87 -6.13
N GLY D 211 -5.82 14.01 -5.47
CA GLY D 211 -5.37 14.27 -4.10
C GLY D 211 -5.94 13.29 -3.09
N GLU D 213 -6.88 10.25 -3.81
CA GLU D 213 -6.20 8.97 -4.09
C GLU D 213 -4.79 8.99 -3.51
N GLN D 214 -4.06 10.12 -3.65
CA GLN D 214 -2.72 10.26 -3.04
C GLN D 214 -2.78 10.11 -1.51
N ILE D 215 -3.77 10.73 -0.83
CA ILE D 215 -3.94 10.57 0.64
C ILE D 215 -4.11 9.08 1.00
N SER D 216 -5.03 8.37 0.31
CA SER D 216 -5.30 6.95 0.54
C SER D 216 -4.04 6.07 0.28
N GLU D 217 -3.32 6.31 -0.83
CA GLU D 217 -2.10 5.53 -1.16
C GLU D 217 -0.96 5.86 -0.19
N GLN D 218 -0.88 7.09 0.32
CA GLN D 218 0.14 7.45 1.29
C GLN D 218 -0.16 6.81 2.68
N ILE D 219 -1.42 6.71 3.12
CA ILE D 219 -1.78 6.01 4.36
C ILE D 219 -1.48 4.52 4.15
N LYS D 220 -1.85 3.96 2.99
CA LYS D 220 -1.61 2.54 2.65
C LYS D 220 -0.13 2.16 2.65
N PHE D 222 2.20 3.86 4.37
CA PHE D 222 2.60 4.00 5.77
C PHE D 222 2.22 2.76 6.57
N ARG D 224 1.96 -0.36 5.41
CA ARG D 224 2.86 -1.46 5.06
C ARG D 224 4.23 -1.27 5.70
N LYS D 225 4.74 -0.02 5.67
CA LYS D 225 6.09 0.39 6.13
C LYS D 225 6.36 0.19 7.68
N THR D 226 5.32 0.31 8.54
CA THR D 226 5.45 0.15 10.00
C THR D 226 4.83 -1.18 10.46
N GLN E 20 -8.64 -10.35 14.38
CA GLN E 20 -7.88 -9.10 14.50
C GLN E 20 -8.67 -8.10 15.33
N SER E 21 -9.98 -7.91 15.04
CA SER E 21 -10.85 -7.00 15.79
C SER E 21 -11.04 -7.46 17.28
N LEU E 22 -10.70 -6.58 18.24
CA LEU E 22 -10.77 -6.86 19.67
C LEU E 22 -12.19 -6.74 20.18
N LYS E 23 -12.59 -7.61 21.12
CA LYS E 23 -13.92 -7.59 21.72
C LYS E 23 -14.14 -6.28 22.50
N SER E 24 -15.35 -5.72 22.49
CA SER E 24 -15.67 -4.50 23.24
C SER E 24 -16.56 -4.85 24.42
N ILE E 25 -16.50 -3.99 25.46
CA ILE E 25 -17.22 -4.21 26.70
C ILE E 25 -18.10 -3.02 27.05
N SER E 26 -19.32 -3.28 27.47
CA SER E 26 -20.23 -2.27 28.00
C SER E 26 -20.46 -2.54 29.51
N ILE E 27 -20.81 -1.50 30.25
CA ILE E 27 -21.08 -1.62 31.67
C ILE E 27 -22.47 -1.09 31.97
N LEU E 28 -23.21 -1.85 32.81
CA LEU E 28 -24.49 -1.42 33.35
C LEU E 28 -24.25 -1.33 34.82
N GLY E 29 -24.06 -0.11 35.31
CA GLY E 29 -23.68 0.05 36.73
C GLY E 29 -24.39 1.11 37.54
N ASP E 30 -23.79 1.41 38.67
CA ASP E 30 -24.27 2.41 39.63
C ASP E 30 -23.06 3.31 39.95
N SER E 31 -23.00 3.91 41.14
CA SER E 31 -21.92 4.80 41.59
C SER E 31 -20.51 4.25 41.36
N TYR E 32 -20.31 2.93 41.55
CA TYR E 32 -19.00 2.27 41.46
C TYR E 32 -18.41 2.23 40.06
N SER E 33 -19.23 2.38 39.02
CA SER E 33 -18.78 2.35 37.63
C SER E 33 -18.92 3.70 36.96
N THR E 34 -19.25 4.75 37.74
CA THR E 34 -19.34 6.08 37.11
C THR E 34 -17.97 6.77 37.01
N PHE E 35 -17.87 7.69 36.06
CA PHE E 35 -16.75 8.61 35.96
C PHE E 35 -17.18 9.76 35.07
N GLU E 36 -17.00 10.99 35.57
CA GLU E 36 -17.35 12.23 34.86
C GLU E 36 -16.88 12.21 33.41
N GLY E 37 -17.81 12.37 32.49
CA GLY E 37 -17.55 12.44 31.05
C GLY E 37 -17.49 11.13 30.29
N TYR E 38 -17.71 9.96 30.96
CA TYR E 38 -17.67 8.63 30.33
C TYR E 38 -19.01 7.91 30.39
N LEU E 39 -20.10 8.62 30.74
CA LEU E 39 -21.43 8.02 30.90
C LEU E 39 -22.34 8.31 29.73
N GLN E 40 -23.10 7.29 29.29
CA GLN E 40 -24.11 7.43 28.24
C GLN E 40 -25.42 6.91 28.79
N PRO E 41 -26.51 7.72 28.82
CA PRO E 41 -26.59 9.12 28.38
C PRO E 41 -25.79 10.02 29.32
N ASP E 42 -25.30 11.15 28.80
CA ASP E 42 -24.45 12.10 29.57
C ASP E 42 -25.22 12.77 30.73
N THR E 43 -26.55 12.61 30.81
CA THR E 43 -27.35 13.16 31.91
C THR E 43 -27.34 12.24 33.16
N ASN E 44 -26.72 11.02 33.10
CA ASN E 44 -26.66 10.12 34.27
C ASN E 44 -25.90 10.74 35.46
N SER E 45 -26.31 10.42 36.69
CA SER E 45 -25.66 10.95 37.89
C SER E 45 -24.27 10.34 38.05
N ILE E 46 -23.31 11.18 38.39
CA ILE E 46 -21.90 10.80 38.55
C ILE E 46 -21.54 10.75 40.00
N TRP E 47 -20.70 9.77 40.41
CA TRP E 47 -20.13 9.76 41.77
C TRP E 47 -18.66 10.21 41.70
N TYR E 48 -17.88 9.65 40.75
CA TYR E 48 -16.46 9.98 40.58
C TYR E 48 -16.22 11.14 39.59
N TYR E 49 -15.73 12.28 40.11
CA TYR E 49 -15.38 13.46 39.34
C TYR E 49 -13.86 13.57 39.24
N VAL E 50 -13.40 14.35 38.25
CA VAL E 50 -11.97 14.58 38.04
C VAL E 50 -11.40 15.26 39.29
N SER E 51 -12.07 16.33 39.75
CA SER E 51 -11.80 17.01 41.03
C SER E 51 -12.86 16.45 41.99
N PRO E 52 -12.55 15.54 42.96
CA PRO E 52 -13.63 14.86 43.72
C PRO E 52 -14.69 15.70 44.46
N ARG E 53 -15.98 15.22 44.47
CA ARG E 53 -17.07 15.84 45.25
C ARG E 53 -17.27 15.12 46.62
N GLN E 54 -16.88 13.82 46.72
CA GLN E 54 -16.97 13.01 47.94
C GLN E 54 -15.56 12.68 48.40
N GLN E 55 -15.38 12.18 49.65
CA GLN E 55 -14.04 11.85 50.18
C GLN E 55 -13.48 10.59 49.49
N THR E 56 -12.64 10.74 48.43
CA THR E 56 -12.05 9.61 47.71
C THR E 56 -10.69 10.00 47.19
N ASP E 57 -9.82 9.00 46.97
CA ASP E 57 -8.48 9.25 46.41
C ASP E 57 -8.50 9.09 44.87
N VAL E 58 -9.61 8.53 44.28
CA VAL E 58 -9.73 8.33 42.82
C VAL E 58 -9.98 9.68 42.11
N THR E 59 -9.12 10.04 41.13
CA THR E 59 -9.26 11.30 40.39
C THR E 59 -9.21 11.12 38.86
N SER E 60 -8.99 9.89 38.36
CA SER E 60 -8.82 9.63 36.93
C SER E 60 -9.62 8.39 36.50
N VAL E 61 -10.06 8.39 35.22
CA VAL E 61 -10.79 7.27 34.58
C VAL E 61 -9.84 6.06 34.47
N LYS E 62 -8.54 6.31 34.40
CA LYS E 62 -7.53 5.28 34.29
C LYS E 62 -7.46 4.43 35.57
N GLN E 63 -7.89 4.98 36.72
CA GLN E 63 -7.92 4.26 38.00
C GLN E 63 -9.23 3.43 38.24
N THR E 64 -10.28 3.60 37.44
CA THR E 64 -11.52 2.83 37.63
C THR E 64 -11.30 1.35 37.29
N TRP E 65 -12.08 0.46 37.97
CA TRP E 65 -12.00 -0.98 37.78
C TRP E 65 -12.26 -1.37 36.32
N TRP E 66 -13.20 -0.71 35.67
CA TRP E 66 -13.62 -1.04 34.30
C TRP E 66 -12.60 -0.55 33.25
N HIS E 67 -12.08 0.65 33.38
CA HIS E 67 -11.06 1.13 32.42
C HIS E 67 -9.78 0.26 32.53
N LYS E 68 -9.39 -0.07 33.77
CA LYS E 68 -8.24 -0.93 34.09
C LYS E 68 -8.39 -2.30 33.47
N PHE E 69 -9.52 -2.99 33.73
CA PHE E 69 -9.80 -4.31 33.16
C PHE E 69 -9.80 -4.27 31.65
N ILE E 70 -10.51 -3.30 31.06
CA ILE E 70 -10.65 -3.20 29.59
C ILE E 70 -9.27 -2.94 28.95
N LYS E 71 -8.55 -1.94 29.45
CA LYS E 71 -7.26 -1.58 28.87
C LYS E 71 -6.20 -2.67 29.04
N GLU E 72 -6.10 -3.25 30.23
CA GLU E 72 -5.06 -4.24 30.53
C GLU E 72 -5.33 -5.63 29.95
N ASN E 73 -6.60 -6.01 29.67
CA ASN E 73 -6.89 -7.32 29.07
C ASN E 73 -7.20 -7.24 27.57
N ASN E 74 -6.69 -6.20 26.89
CA ASN E 74 -6.77 -6.03 25.43
C ASN E 74 -8.22 -6.02 24.88
N TYR E 75 -9.09 -5.23 25.52
CA TYR E 75 -10.47 -5.02 25.10
C TYR E 75 -10.71 -3.56 24.74
N ARG E 76 -11.85 -3.29 24.12
CA ARG E 76 -12.29 -1.96 23.78
C ARG E 76 -13.46 -1.55 24.69
N LEU E 77 -13.65 -0.23 24.86
CA LEU E 77 -14.77 0.29 25.65
C LEU E 77 -15.94 0.52 24.70
N CYS E 78 -17.15 0.02 25.04
CA CYS E 78 -18.32 0.26 24.20
C CYS E 78 -19.15 1.33 24.89
N VAL E 79 -20.09 0.99 25.74
CA VAL E 79 -20.94 1.98 26.41
C VAL E 79 -20.89 1.75 27.92
N ASN E 80 -20.71 2.82 28.69
CA ASN E 80 -20.79 2.74 30.13
C ASN E 80 -22.08 3.42 30.53
N ASN E 81 -23.13 2.63 30.79
CA ASN E 81 -24.40 3.18 31.24
C ASN E 81 -24.48 2.97 32.73
N SER E 82 -23.83 3.88 33.52
CA SER E 82 -23.84 3.78 34.99
C SER E 82 -24.44 5.04 35.55
N PHE E 83 -25.22 4.92 36.62
CA PHE E 83 -26.00 6.00 37.21
C PHE E 83 -25.83 5.92 38.70
N SER E 84 -25.29 6.97 39.32
CA SER E 84 -25.01 7.02 40.74
C SER E 84 -26.26 6.87 41.57
N GLY E 85 -26.23 5.90 42.48
CA GLY E 85 -27.35 5.63 43.37
C GLY E 85 -28.47 4.80 42.80
N ALA E 86 -28.33 4.29 41.56
CA ALA E 86 -29.37 3.50 40.90
C ALA E 86 -29.56 2.11 41.50
N THR E 87 -30.82 1.69 41.55
CA THR E 87 -31.24 0.40 42.05
C THR E 87 -31.50 -0.54 40.87
N ILE E 88 -31.39 -1.83 41.09
CA ILE E 88 -31.78 -2.83 40.10
C ILE E 88 -33.29 -2.76 39.91
N CYS E 89 -34.05 -2.72 41.03
CA CYS E 89 -35.52 -2.67 40.99
C CYS E 89 -35.99 -1.19 41.01
N ASN E 90 -37.30 -0.94 40.90
CA ASN E 90 -37.87 0.42 40.82
C ASN E 90 -38.18 1.08 42.18
N THR E 91 -37.79 0.48 43.34
CA THR E 91 -37.91 1.12 44.67
C THR E 91 -36.54 1.61 45.10
N GLY E 92 -36.42 2.92 45.33
CA GLY E 92 -35.19 3.55 45.75
C GLY E 92 -35.15 3.89 47.23
N TYR E 93 -34.27 4.83 47.58
CA TYR E 93 -34.10 5.29 48.96
C TYR E 93 -35.36 5.99 49.46
N ASN E 94 -35.77 5.70 50.72
CA ASN E 94 -36.98 6.24 51.35
C ASN E 94 -38.25 5.89 50.55
N GLN E 95 -38.28 4.65 49.98
CA GLN E 95 -39.39 4.11 49.19
C GLN E 95 -39.77 4.98 47.98
N ALA E 96 -38.82 5.75 47.44
CA ALA E 96 -39.08 6.60 46.27
C ALA E 96 -39.14 5.76 45.00
N ASP E 97 -39.88 6.24 43.98
CA ASP E 97 -40.01 5.56 42.69
C ASP E 97 -38.77 5.85 41.84
N TYR E 98 -37.93 4.81 41.59
CA TYR E 98 -36.69 4.91 40.81
C TYR E 98 -36.87 4.31 39.40
N SER E 99 -38.10 4.33 38.85
CA SER E 99 -38.38 3.79 37.52
C SER E 99 -37.61 4.52 36.42
N ASP E 100 -37.28 5.82 36.62
CA ASP E 100 -36.55 6.63 35.64
C ASP E 100 -35.05 6.24 35.50
N ARG E 101 -34.43 5.71 36.57
CA ARG E 101 -32.99 5.43 36.62
C ARG E 101 -32.61 3.97 36.96
N SER E 102 -33.60 3.03 37.07
CA SER E 102 -33.35 1.64 37.43
CA SER E 102 -33.27 1.65 37.47
C SER E 102 -32.49 0.90 36.39
N PHE E 103 -31.85 -0.22 36.77
CA PHE E 103 -31.07 -1.02 35.79
C PHE E 103 -31.99 -1.61 34.74
N ILE E 104 -33.16 -2.07 35.17
CA ILE E 104 -34.17 -2.68 34.27
C ILE E 104 -34.75 -1.64 33.28
N THR E 105 -34.67 -0.34 33.58
CA THR E 105 -35.10 0.72 32.66
C THR E 105 -33.98 1.06 31.68
N ARG E 106 -32.74 1.08 32.15
CA ARG E 106 -31.53 1.48 31.38
C ARG E 106 -30.84 0.33 30.60
N ASP E 108 -31.63 -1.43 28.08
CA ASP E 108 -31.73 -1.44 26.62
C ASP E 108 -30.76 -0.42 25.92
N LYS E 109 -29.99 0.38 26.66
CA LYS E 109 -29.11 1.36 26.04
C LYS E 109 -27.63 1.13 26.42
N LEU E 110 -27.04 0.04 25.87
CA LEU E 110 -25.66 -0.37 26.11
C LEU E 110 -24.84 -0.55 24.82
N GLY E 111 -25.25 0.08 23.71
CA GLY E 111 -24.56 -0.05 22.42
C GLY E 111 -24.67 -1.45 21.83
N CYS E 112 -23.62 -1.87 21.08
CA CYS E 112 -23.55 -3.24 20.51
C CYS E 112 -22.26 -3.91 21.00
N PRO E 113 -22.21 -4.37 22.27
CA PRO E 113 -20.96 -4.94 22.78
C PRO E 113 -20.81 -6.42 22.53
N ASP E 114 -19.60 -6.96 22.81
CA ASP E 114 -19.29 -8.40 22.79
C ASP E 114 -19.40 -9.00 24.20
N ILE E 115 -19.22 -8.16 25.24
CA ILE E 115 -19.25 -8.53 26.66
C ILE E 115 -20.01 -7.46 27.44
N ILE E 116 -20.82 -7.84 28.44
CA ILE E 116 -21.49 -6.86 29.30
C ILE E 116 -21.17 -7.19 30.74
N PHE E 117 -20.77 -6.17 31.56
CA PHE E 117 -20.67 -6.35 33.02
C PHE E 117 -21.88 -5.67 33.63
N ILE E 118 -22.59 -6.38 34.50
CA ILE E 118 -23.68 -5.80 35.28
C ILE E 118 -23.10 -5.59 36.68
N PHE E 119 -23.04 -4.35 37.18
CA PHE E 119 -22.52 -4.18 38.54
C PHE E 119 -23.53 -3.38 39.36
N GLY E 120 -24.43 -4.09 40.01
CA GLY E 120 -25.49 -3.46 40.79
C GLY E 120 -25.93 -4.30 41.96
N ALA E 121 -26.93 -3.79 42.70
CA ALA E 121 -27.63 -4.41 43.85
C ALA E 121 -27.19 -3.78 45.18
N THR E 122 -26.11 -2.97 45.19
CA THR E 122 -25.65 -2.27 46.38
C THR E 122 -26.72 -1.30 46.87
N ASN E 123 -27.33 -0.53 45.94
CA ASN E 123 -28.36 0.46 46.31
C ASN E 123 -29.63 -0.18 46.71
N ASP E 124 -29.99 -1.32 46.13
CA ASP E 124 -31.19 -2.05 46.58
C ASP E 124 -31.02 -2.53 48.04
N CYS E 125 -29.79 -2.96 48.37
CA CYS E 125 -29.42 -3.45 49.68
C CYS E 125 -29.50 -2.33 50.72
N TRP E 126 -28.90 -1.15 50.46
CA TRP E 126 -28.88 -0.06 51.44
C TRP E 126 -30.10 0.86 51.38
N ALA E 127 -30.89 0.83 50.31
CA ALA E 127 -32.14 1.59 50.25
C ALA E 127 -33.22 0.89 51.05
N GLY E 128 -33.06 -0.41 51.27
CA GLY E 128 -34.05 -1.22 51.94
C GLY E 128 -35.17 -1.57 50.98
N SER E 129 -34.83 -1.78 49.68
CA SER E 129 -35.83 -2.15 48.68
C SER E 129 -36.46 -3.48 49.07
N PRO E 130 -37.80 -3.64 48.96
CA PRO E 130 -38.40 -4.93 49.34
C PRO E 130 -37.76 -6.06 48.54
N LEU E 131 -37.38 -7.14 49.23
CA LEU E 131 -36.73 -8.28 48.58
C LEU E 131 -37.69 -9.03 47.61
N GLY E 132 -38.95 -9.18 48.01
CA GLY E 132 -39.98 -9.86 47.19
C GLY E 132 -39.79 -11.35 47.10
N ASP E 133 -40.56 -11.99 46.21
CA ASP E 133 -40.47 -13.43 45.93
C ASP E 133 -39.74 -13.67 44.62
N TYR E 134 -39.13 -14.85 44.45
CA TYR E 134 -38.55 -15.23 43.17
C TYR E 134 -39.66 -15.35 42.12
N LYS E 135 -39.48 -14.70 40.96
CA LYS E 135 -40.46 -14.71 39.86
C LYS E 135 -39.67 -14.76 38.53
N TYR E 136 -39.88 -15.81 37.71
CA TYR E 136 -39.12 -16.00 36.49
C TYR E 136 -39.96 -15.79 35.21
N GLU E 137 -41.19 -15.24 35.36
CA GLU E 137 -42.04 -14.88 34.21
C GLU E 137 -43.26 -14.08 34.68
N GLY E 138 -43.98 -13.49 33.74
CA GLY E 138 -45.21 -12.73 33.99
C GLY E 138 -45.08 -11.53 34.89
N TRP E 139 -43.92 -10.90 34.90
CA TRP E 139 -43.61 -9.73 35.74
C TRP E 139 -44.57 -8.58 35.48
N THR E 140 -45.24 -8.09 36.52
CA THR E 140 -46.15 -6.94 36.47
C THR E 140 -45.37 -5.70 36.90
N LYS E 141 -45.98 -4.51 36.76
CA LYS E 141 -45.37 -3.24 37.19
C LYS E 141 -45.15 -3.26 38.72
N GLU E 142 -46.09 -3.87 39.45
CA GLU E 142 -46.02 -3.97 40.90
C GLU E 142 -44.85 -4.85 41.33
N ASP E 143 -44.64 -5.99 40.65
CA ASP E 143 -43.52 -6.92 40.94
C ASP E 143 -42.16 -6.28 40.79
N LEU E 144 -41.97 -5.44 39.75
CA LEU E 144 -40.69 -4.81 39.45
C LEU E 144 -40.30 -3.69 40.45
N TYR E 145 -41.12 -3.41 41.47
CA TYR E 145 -40.77 -2.54 42.57
C TYR E 145 -40.04 -3.36 43.65
N THR E 146 -39.98 -4.71 43.54
CA THR E 146 -39.32 -5.58 44.50
C THR E 146 -38.07 -6.16 43.82
N PHE E 147 -37.09 -6.62 44.61
CA PHE E 147 -35.76 -7.04 44.11
C PHE E 147 -35.72 -8.34 43.28
N ARG E 148 -36.14 -9.49 43.83
CA ARG E 148 -36.00 -10.75 43.08
C ARG E 148 -36.70 -10.72 41.70
N PRO E 149 -37.97 -10.27 41.59
CA PRO E 149 -38.57 -10.18 40.26
C PRO E 149 -37.79 -9.25 39.31
N ALA E 150 -37.26 -8.09 39.78
CA ALA E 150 -36.51 -7.16 38.93
C ALA E 150 -35.16 -7.75 38.47
N ALA E 152 -34.50 -11.00 38.01
CA ALA E 152 -34.85 -12.01 37.00
C ALA E 152 -35.27 -11.36 35.67
N TYR E 153 -36.09 -10.31 35.77
CA TYR E 153 -36.54 -9.55 34.61
C TYR E 153 -35.30 -8.93 33.91
N LEU E 154 -34.31 -8.45 34.67
CA LEU E 154 -33.07 -7.87 34.11
C LEU E 154 -32.32 -8.91 33.26
N LEU E 155 -32.01 -10.09 33.84
CA LEU E 155 -31.25 -11.13 33.13
C LEU E 155 -32.01 -11.74 32.00
N ASP E 156 -33.30 -11.99 32.18
CA ASP E 156 -34.12 -12.55 31.12
C ASP E 156 -34.10 -11.65 29.87
N HIS E 157 -34.48 -10.40 30.05
CA HIS E 157 -34.56 -9.41 28.97
C HIS E 157 -33.21 -9.11 28.34
N ILE E 159 -30.55 -11.27 28.17
CA ILE E 159 -30.11 -12.45 27.40
C ILE E 159 -30.75 -12.38 25.97
N ASP E 160 -32.02 -11.96 25.87
CA ASP E 160 -32.73 -11.84 24.59
C ASP E 160 -32.30 -10.60 23.81
N ARG E 161 -32.04 -9.49 24.52
CA ARG E 161 -31.65 -8.24 23.89
C ARG E 161 -30.23 -8.30 23.36
N TYR E 162 -29.36 -9.10 23.99
CA TYR E 162 -27.94 -9.20 23.63
C TYR E 162 -27.58 -10.65 23.32
N PRO E 163 -28.09 -11.20 22.21
CA PRO E 163 -27.79 -12.61 21.92
C PRO E 163 -26.31 -12.83 21.63
N ASN E 164 -25.77 -13.92 22.23
CA ASN E 164 -24.39 -14.39 22.09
C ASN E 164 -23.38 -13.36 22.65
N VAL E 165 -23.82 -12.50 23.60
CA VAL E 165 -22.97 -11.54 24.30
C VAL E 165 -22.66 -12.17 25.63
N GLU E 166 -21.39 -12.16 26.05
CA GLU E 166 -21.01 -12.71 27.37
C GLU E 166 -21.45 -11.75 28.46
N ILE E 167 -22.32 -12.20 29.40
CA ILE E 167 -22.84 -11.36 30.46
C ILE E 167 -22.30 -11.88 31.81
N TYR E 168 -21.76 -10.96 32.59
CA TYR E 168 -21.16 -11.23 33.91
C TYR E 168 -21.77 -10.33 34.94
N PHE E 169 -22.29 -10.89 35.99
CA PHE E 169 -22.80 -10.08 37.09
C PHE E 169 -21.67 -9.91 38.09
N LEU E 170 -21.39 -8.67 38.51
CA LEU E 170 -20.39 -8.40 39.54
C LEU E 170 -21.10 -8.15 40.84
N LEU E 171 -20.80 -8.94 41.87
CA LEU E 171 -21.49 -8.80 43.15
C LEU E 171 -20.59 -8.10 44.11
N ASN E 172 -21.01 -6.92 44.59
CA ASN E 172 -20.24 -6.15 45.55
C ASN E 172 -20.06 -6.93 46.85
N SER E 173 -18.93 -6.67 47.55
CA SER E 173 -18.64 -7.27 48.85
C SER E 173 -19.36 -6.44 49.91
N GLY E 174 -19.62 -7.06 51.06
CA GLY E 174 -20.24 -6.37 52.19
C GLY E 174 -21.72 -6.08 52.13
N LEU E 175 -22.49 -6.77 51.26
CA LEU E 175 -23.96 -6.59 51.22
C LEU E 175 -24.66 -7.60 52.14
N LYS E 176 -25.98 -7.41 52.41
CA LYS E 176 -26.76 -8.33 53.25
C LYS E 176 -26.83 -9.67 52.55
N GLU E 177 -26.80 -10.77 53.32
CA GLU E 177 -26.78 -12.11 52.73
C GLU E 177 -28.05 -12.42 51.92
N GLU E 178 -29.19 -11.80 52.26
CA GLU E 178 -30.45 -12.00 51.54
C GLU E 178 -30.29 -11.51 50.09
N PHE E 179 -29.50 -10.47 49.86
CA PHE E 179 -29.22 -9.94 48.52
C PHE E 179 -28.16 -10.81 47.83
N ASN E 180 -27.11 -11.25 48.57
CA ASN E 180 -26.07 -12.13 48.00
C ASN E 180 -26.65 -13.42 47.47
N GLU E 181 -27.52 -14.06 48.30
CA GLU E 181 -28.14 -15.33 47.96
C GLU E 181 -29.17 -15.18 46.84
N SER E 182 -29.98 -14.09 46.86
CA SER E 182 -30.92 -13.80 45.77
C SER E 182 -30.20 -13.63 44.43
N VAL E 183 -29.14 -12.80 44.40
CA VAL E 183 -28.35 -12.53 43.18
C VAL E 183 -27.75 -13.84 42.62
N ARG E 184 -27.14 -14.63 43.52
CA ARG E 184 -26.51 -15.89 43.20
C ARG E 184 -27.53 -16.92 42.66
N ALA E 185 -28.73 -17.02 43.28
CA ALA E 185 -29.75 -17.96 42.82
C ALA E 185 -30.32 -17.55 41.45
N ILE E 186 -30.60 -16.25 41.25
CA ILE E 186 -31.18 -15.77 40.00
C ILE E 186 -30.13 -15.88 38.87
N CYS E 187 -28.84 -15.58 39.14
CA CYS E 187 -27.78 -15.73 38.13
C CYS E 187 -27.66 -17.22 37.70
N ASN E 188 -27.74 -18.17 38.69
CA ASN E 188 -27.65 -19.60 38.42
CA ASN E 188 -27.66 -19.61 38.41
C ASN E 188 -28.82 -20.06 37.52
N HIS E 189 -30.06 -19.53 37.76
CA HIS E 189 -31.26 -19.85 36.98
C HIS E 189 -31.05 -19.52 35.51
N TYR E 190 -30.46 -18.37 35.23
CA TYR E 190 -30.22 -17.89 33.87
C TYR E 190 -28.82 -18.28 33.30
N ASN E 191 -28.04 -19.12 34.04
CA ASN E 191 -26.71 -19.58 33.66
CA ASN E 191 -26.72 -19.60 33.63
C ASN E 191 -25.76 -18.41 33.35
N ILE E 192 -25.87 -17.35 34.17
CA ILE E 192 -25.02 -16.14 34.09
C ILE E 192 -23.93 -16.26 35.16
N ASP E 193 -22.68 -15.98 34.80
CA ASP E 193 -21.59 -15.99 35.77
C ASP E 193 -21.75 -14.83 36.75
N CYS E 194 -21.63 -15.12 38.04
CA CYS E 194 -21.73 -14.16 39.12
C CYS E 194 -20.37 -14.11 39.77
N ILE E 195 -19.67 -13.00 39.63
CA ILE E 195 -18.33 -12.83 40.15
C ILE E 195 -18.47 -12.20 41.52
N GLU E 196 -18.16 -12.98 42.59
CA GLU E 196 -18.34 -12.56 43.97
C GLU E 196 -17.10 -11.83 44.45
N LEU E 197 -17.20 -10.50 44.51
CA LEU E 197 -16.09 -9.66 44.96
C LEU E 197 -15.93 -9.83 46.48
N HIS E 198 -14.67 -9.76 46.97
CA HIS E 198 -14.37 -9.89 48.40
C HIS E 198 -13.33 -8.88 48.80
N ASP E 199 -13.45 -8.37 50.06
CA ASP E 199 -12.47 -7.49 50.68
C ASP E 199 -12.07 -6.31 49.78
N ILE E 200 -13.06 -5.62 49.19
CA ILE E 200 -12.75 -4.46 48.33
C ILE E 200 -12.50 -3.27 49.25
N ASP E 201 -11.31 -2.65 49.15
CA ASP E 201 -10.94 -1.50 50.00
C ASP E 201 -11.79 -0.29 49.61
N LYS E 202 -12.51 0.33 50.58
CA LYS E 202 -13.43 1.43 50.29
C LYS E 202 -13.18 2.68 51.13
N LYS E 203 -13.60 3.83 50.59
CA LYS E 203 -13.54 5.16 51.22
C LYS E 203 -14.88 5.84 50.92
N SER E 204 -15.67 6.25 51.94
CA SER E 204 -17.03 6.81 51.74
C SER E 204 -17.96 5.76 51.12
N GLY E 205 -17.75 4.49 51.52
CA GLY E 205 -18.49 3.35 51.02
C GLY E 205 -18.32 3.05 49.54
N HIS E 206 -17.29 3.63 48.88
CA HIS E 206 -17.05 3.43 47.45
C HIS E 206 -15.62 2.99 47.24
N PRO E 207 -15.30 2.21 46.18
CA PRO E 207 -13.91 1.77 46.01
C PRO E 207 -12.87 2.92 45.96
N SER E 208 -11.76 2.68 46.63
CA SER E 208 -10.60 3.56 46.57
C SER E 208 -9.78 3.18 45.34
N ILE E 209 -8.57 3.77 45.14
CA ILE E 209 -7.66 3.39 44.04
C ILE E 209 -7.32 1.90 44.18
N LYS E 210 -7.01 1.48 45.40
CA LYS E 210 -6.71 0.09 45.77
C LYS E 210 -7.90 -0.80 45.49
N GLY E 211 -9.10 -0.37 45.89
CA GLY E 211 -10.33 -1.12 45.70
C GLY E 211 -10.68 -1.32 44.24
N GLU E 213 -8.45 -1.44 41.84
CA GLU E 213 -7.46 -2.42 41.38
C GLU E 213 -7.85 -3.82 41.83
N GLN E 214 -8.32 -3.97 43.08
CA GLN E 214 -8.79 -5.28 43.58
C GLN E 214 -9.97 -5.80 42.74
N ILE E 215 -10.95 -4.94 42.38
CA ILE E 215 -12.08 -5.34 41.54
C ILE E 215 -11.56 -5.87 40.17
N SER E 216 -10.66 -5.12 39.52
CA SER E 216 -10.09 -5.50 38.23
C SER E 216 -9.31 -6.82 38.31
N GLU E 217 -8.45 -6.99 39.33
CA GLU E 217 -7.66 -8.22 39.50
C GLU E 217 -8.57 -9.42 39.86
N GLN E 218 -9.66 -9.20 40.62
CA GLN E 218 -10.59 -10.27 40.95
C GLN E 218 -11.39 -10.70 39.69
N ILE E 219 -11.66 -9.78 38.74
CA ILE E 219 -12.35 -10.15 37.49
C ILE E 219 -11.38 -11.02 36.66
N LYS E 220 -10.10 -10.57 36.46
CA LYS E 220 -9.08 -11.35 35.73
C LYS E 220 -8.91 -12.75 36.27
N PHE E 222 -11.14 -14.53 37.99
CA PHE E 222 -12.34 -15.29 37.63
C PHE E 222 -12.26 -15.74 36.15
N ARG E 224 -9.47 -16.36 34.39
CA ARG E 224 -8.37 -17.34 34.25
C ARG E 224 -8.86 -18.75 34.69
N LYS E 225 -9.72 -18.83 35.75
CA LYS E 225 -10.26 -20.09 36.27
C LYS E 225 -11.16 -20.79 35.24
N GLN F 20 -12.19 -14.03 17.32
CA GLN F 20 -12.94 -14.28 18.56
C GLN F 20 -14.23 -13.47 18.55
N SER F 21 -14.18 -12.16 18.20
CA SER F 21 -15.36 -11.29 18.13
C SER F 21 -16.35 -11.75 17.03
N LEU F 22 -17.62 -12.02 17.42
CA LEU F 22 -18.67 -12.51 16.52
C LEU F 22 -19.24 -11.39 15.70
N LYS F 23 -19.56 -11.65 14.43
CA LYS F 23 -20.17 -10.68 13.53
C LYS F 23 -21.55 -10.24 14.05
N SER F 24 -21.89 -8.95 13.87
CA SER F 24 -23.16 -8.37 14.28
CA SER F 24 -23.18 -8.41 14.30
C SER F 24 -24.07 -8.17 13.06
N ILE F 25 -25.40 -8.23 13.26
CA ILE F 25 -26.36 -8.07 12.18
C ILE F 25 -27.35 -6.95 12.49
N SER F 26 -27.64 -6.08 11.51
CA SER F 26 -28.67 -5.04 11.57
C SER F 26 -29.77 -5.40 10.56
N ILE F 27 -30.99 -4.99 10.83
CA ILE F 27 -32.15 -5.27 9.99
C ILE F 27 -32.78 -3.93 9.57
N LEU F 28 -33.03 -3.77 8.24
CA LEU F 28 -33.81 -2.67 7.66
C LEU F 28 -35.10 -3.35 7.21
N GLY F 29 -36.14 -3.24 8.03
CA GLY F 29 -37.38 -3.98 7.83
C GLY F 29 -38.65 -3.20 7.99
N ASP F 30 -39.77 -3.91 7.89
CA ASP F 30 -41.13 -3.40 7.96
C ASP F 30 -41.81 -4.22 9.07
N SER F 31 -43.14 -4.35 9.11
CA SER F 31 -43.91 -5.13 10.09
C SER F 31 -43.30 -6.50 10.43
N TYR F 32 -42.84 -7.26 9.42
CA TYR F 32 -42.34 -8.63 9.60
C TYR F 32 -41.12 -8.72 10.49
N SER F 33 -40.37 -7.63 10.68
CA SER F 33 -39.15 -7.63 11.46
C SER F 33 -39.30 -6.80 12.70
N THR F 34 -40.51 -6.27 12.98
CA THR F 34 -40.66 -5.46 14.20
C THR F 34 -40.91 -6.36 15.41
N PHE F 35 -40.64 -5.81 16.59
CA PHE F 35 -40.97 -6.41 17.86
C PHE F 35 -40.86 -5.32 18.91
N GLU F 36 -41.94 -5.16 19.70
CA GLU F 36 -42.03 -4.16 20.77
C GLU F 36 -40.77 -4.11 21.64
N GLY F 37 -40.14 -2.94 21.72
CA GLY F 37 -38.95 -2.72 22.52
C GLY F 37 -37.61 -3.05 21.91
N TYR F 38 -37.55 -3.50 20.65
CA TYR F 38 -36.30 -3.87 19.95
C TYR F 38 -36.06 -2.98 18.71
N LEU F 39 -36.81 -1.88 18.54
CA LEU F 39 -36.71 -1.00 17.39
C LEU F 39 -35.92 0.27 17.68
N GLN F 40 -35.05 0.67 16.76
CA GLN F 40 -34.31 1.92 16.83
C GLN F 40 -34.59 2.71 15.56
N PRO F 41 -35.10 3.96 15.62
CA PRO F 41 -35.50 4.70 16.83
C PRO F 41 -36.73 4.05 17.48
N ASP F 42 -36.87 4.21 18.80
CA ASP F 42 -37.95 3.60 19.56
C ASP F 42 -39.35 4.15 19.19
N THR F 43 -39.42 5.23 18.37
CA THR F 43 -40.69 5.80 17.91
C THR F 43 -41.23 5.06 16.67
N ASN F 44 -40.50 4.07 16.09
CA ASN F 44 -40.97 3.30 14.90
C ASN F 44 -42.26 2.53 15.21
N SER F 45 -43.16 2.38 14.20
CA SER F 45 -44.41 1.64 14.38
C SER F 45 -44.12 0.15 14.53
N ILE F 46 -44.79 -0.48 15.49
CA ILE F 46 -44.63 -1.89 15.82
C ILE F 46 -45.80 -2.69 15.32
N TRP F 47 -45.56 -3.91 14.83
CA TRP F 47 -46.65 -4.84 14.49
C TRP F 47 -46.75 -5.92 15.57
N TYR F 48 -45.61 -6.52 15.97
CA TYR F 48 -45.56 -7.57 16.99
C TYR F 48 -45.33 -7.03 18.41
N TYR F 49 -46.35 -7.17 19.27
CA TYR F 49 -46.31 -6.80 20.68
C TYR F 49 -46.17 -8.04 21.54
N VAL F 50 -45.73 -7.84 22.79
CA VAL F 50 -45.58 -8.92 23.76
C VAL F 50 -46.95 -9.54 24.00
N SER F 51 -47.95 -8.70 24.28
CA SER F 51 -49.37 -9.07 24.39
C SER F 51 -49.94 -8.71 23.01
N PRO F 52 -50.19 -9.68 22.10
CA PRO F 52 -50.58 -9.30 20.73
C PRO F 52 -51.83 -8.43 20.61
N ARG F 53 -51.71 -7.39 19.79
CA ARG F 53 -52.79 -6.47 19.45
C ARG F 53 -53.60 -7.10 18.30
N GLN F 54 -52.89 -7.61 17.26
CA GLN F 54 -53.49 -8.30 16.09
C GLN F 54 -53.56 -9.80 16.37
N GLN F 55 -54.40 -10.56 15.62
CA GLN F 55 -54.51 -12.03 15.81
C GLN F 55 -53.25 -12.71 15.22
N THR F 56 -52.31 -13.05 16.10
CA THR F 56 -51.07 -13.76 15.77
C THR F 56 -50.74 -14.63 16.96
N ASP F 57 -49.98 -15.70 16.72
CA ASP F 57 -49.57 -16.60 17.82
C ASP F 57 -48.19 -16.18 18.37
N VAL F 58 -47.46 -15.26 17.67
CA VAL F 58 -46.14 -14.78 18.08
C VAL F 58 -46.27 -13.82 19.29
N THR F 59 -45.59 -14.12 20.42
CA THR F 59 -45.64 -13.29 21.61
C THR F 59 -44.27 -12.94 22.19
N SER F 60 -43.18 -13.45 21.61
CA SER F 60 -41.83 -13.25 22.10
C SER F 60 -40.84 -12.90 20.95
N VAL F 61 -39.88 -12.05 21.24
CA VAL F 61 -38.78 -11.72 20.34
C VAL F 61 -37.96 -13.02 19.99
N LYS F 62 -37.93 -14.03 20.89
CA LYS F 62 -37.22 -15.29 20.66
C LYS F 62 -37.81 -16.04 19.49
N GLN F 63 -39.11 -15.80 19.15
CA GLN F 63 -39.80 -16.45 18.04
C GLN F 63 -39.64 -15.71 16.70
N THR F 64 -39.03 -14.51 16.68
CA THR F 64 -38.87 -13.72 15.46
C THR F 64 -37.84 -14.38 14.54
N TRP F 65 -38.02 -14.26 13.19
CA TRP F 65 -37.09 -14.82 12.20
C TRP F 65 -35.67 -14.31 12.43
N TRP F 66 -35.53 -13.02 12.76
CA TRP F 66 -34.23 -12.35 12.92
C TRP F 66 -33.56 -12.73 14.25
N HIS F 67 -34.28 -12.76 15.36
CA HIS F 67 -33.64 -13.17 16.63
C HIS F 67 -33.22 -14.68 16.56
N LYS F 68 -34.06 -15.52 15.95
CA LYS F 68 -33.78 -16.94 15.72
C LYS F 68 -32.53 -17.14 14.89
N PHE F 69 -32.45 -16.50 13.71
CA PHE F 69 -31.28 -16.58 12.84
C PHE F 69 -30.02 -16.10 13.55
N ILE F 70 -30.09 -14.92 14.19
CA ILE F 70 -28.94 -14.31 14.89
C ILE F 70 -28.46 -15.21 16.04
N LYS F 71 -29.35 -15.61 16.90
CA LYS F 71 -28.98 -16.43 18.06
C LYS F 71 -28.47 -17.82 17.67
N GLU F 72 -29.15 -18.51 16.75
CA GLU F 72 -28.81 -19.87 16.35
C GLU F 72 -27.59 -19.98 15.43
N ASN F 73 -27.22 -18.93 14.68
CA ASN F 73 -26.02 -18.99 13.82
C ASN F 73 -24.83 -18.22 14.42
N ASN F 74 -24.79 -18.06 15.75
CA ASN F 74 -23.68 -17.47 16.51
C ASN F 74 -23.31 -16.04 16.06
N TYR F 75 -24.33 -15.18 15.92
CA TYR F 75 -24.18 -13.77 15.60
C TYR F 75 -24.67 -12.90 16.77
N ARG F 76 -24.37 -11.60 16.68
CA ARG F 76 -24.83 -10.59 17.61
C ARG F 76 -25.88 -9.70 16.93
N LEU F 77 -26.74 -9.07 17.74
CA LEU F 77 -27.75 -8.15 17.22
C LEU F 77 -27.15 -6.74 17.23
N CYS F 78 -27.22 -5.98 16.14
CA CYS F 78 -26.72 -4.62 16.12
C CYS F 78 -27.92 -3.67 16.20
N VAL F 79 -28.53 -3.26 15.09
CA VAL F 79 -29.67 -2.36 15.11
C VAL F 79 -30.81 -2.96 14.30
N ASN F 80 -32.01 -2.94 14.84
CA ASN F 80 -33.18 -3.36 14.09
C ASN F 80 -33.96 -2.10 13.80
N ASN F 81 -33.82 -1.56 12.58
CA ASN F 81 -34.56 -0.38 12.18
C ASN F 81 -35.72 -0.86 11.33
N SER F 82 -36.79 -1.36 12.02
CA SER F 82 -37.99 -1.81 11.31
C SER F 82 -39.19 -0.91 11.63
N PHE F 83 -40.06 -0.65 10.65
CA PHE F 83 -41.17 0.27 10.81
C PHE F 83 -42.39 -0.35 10.15
N SER F 84 -43.44 -0.64 10.94
CA SER F 84 -44.64 -1.30 10.47
C SER F 84 -45.34 -0.51 9.36
N GLY F 85 -45.55 -1.16 8.22
CA GLY F 85 -46.22 -0.53 7.09
C GLY F 85 -45.33 0.27 6.13
N ALA F 86 -44.03 0.42 6.45
CA ALA F 86 -43.10 1.20 5.65
C ALA F 86 -42.90 0.62 4.29
N THR F 87 -42.74 1.49 3.32
CA THR F 87 -42.55 1.14 1.93
C THR F 87 -41.09 1.41 1.58
N ILE F 88 -40.55 0.72 0.58
CA ILE F 88 -39.20 0.97 0.09
C ILE F 88 -39.15 2.38 -0.50
N CYS F 89 -40.16 2.73 -1.33
CA CYS F 89 -40.21 4.06 -1.96
C CYS F 89 -41.06 5.02 -1.10
N ASN F 90 -41.20 6.26 -1.53
CA ASN F 90 -41.89 7.30 -0.78
C ASN F 90 -43.39 7.41 -1.05
N THR F 91 -44.02 6.48 -1.81
CA THR F 91 -45.49 6.42 -1.99
C THR F 91 -46.04 5.29 -1.14
N GLY F 92 -46.92 5.64 -0.20
CA GLY F 92 -47.55 4.67 0.70
C GLY F 92 -48.96 4.32 0.31
N TYR F 93 -49.72 3.82 1.29
CA TYR F 93 -51.13 3.42 1.11
C TYR F 93 -51.98 4.65 0.77
N ASN F 94 -52.91 4.50 -0.19
CA ASN F 94 -53.81 5.57 -0.67
C ASN F 94 -53.00 6.80 -1.20
N GLN F 95 -51.87 6.51 -1.89
CA GLN F 95 -50.98 7.50 -2.50
C GLN F 95 -50.44 8.54 -1.49
N ALA F 96 -50.35 8.18 -0.19
CA ALA F 96 -49.84 9.08 0.85
C ALA F 96 -48.32 9.20 0.75
N ASP F 97 -47.77 10.35 1.19
CA ASP F 97 -46.33 10.59 1.17
C ASP F 97 -45.69 9.89 2.38
N TYR F 98 -44.88 8.84 2.13
CA TYR F 98 -44.21 8.04 3.16
C TYR F 98 -42.71 8.38 3.24
N SER F 99 -42.34 9.64 2.90
CA SER F 99 -40.93 10.08 2.96
C SER F 99 -40.36 10.03 4.38
N ASP F 100 -41.20 10.20 5.41
CA ASP F 100 -40.77 10.16 6.81
C ASP F 100 -40.38 8.76 7.33
N ARG F 101 -40.96 7.68 6.77
CA ARG F 101 -40.77 6.31 7.24
C ARG F 101 -40.24 5.32 6.18
N SER F 102 -39.88 5.76 4.94
CA SER F 102 -39.46 4.83 3.89
C SER F 102 -38.11 4.16 4.19
N PHE F 103 -37.78 3.06 3.50
CA PHE F 103 -36.50 2.37 3.73
C PHE F 103 -35.34 3.27 3.29
N ILE F 104 -35.53 3.98 2.15
CA ILE F 104 -34.51 4.90 1.62
C ILE F 104 -34.25 6.11 2.56
N THR F 105 -35.20 6.45 3.43
CA THR F 105 -35.02 7.52 4.43
C THR F 105 -34.32 6.98 5.68
N ARG F 106 -34.66 5.75 6.10
CA ARG F 106 -34.17 5.10 7.33
C ARG F 106 -32.85 4.30 7.15
N ASP F 108 -29.82 5.07 6.56
CA ASP F 108 -28.60 5.62 7.16
C ASP F 108 -28.51 5.39 8.70
N LYS F 109 -29.53 4.80 9.36
CA LYS F 109 -29.48 4.60 10.80
C LYS F 109 -29.61 3.10 11.16
N LEU F 110 -28.54 2.33 10.89
CA LEU F 110 -28.43 0.89 11.15
C LEU F 110 -27.21 0.53 12.01
N GLY F 111 -26.65 1.48 12.75
CA GLY F 111 -25.45 1.23 13.58
C GLY F 111 -24.21 0.97 12.73
N CYS F 112 -23.28 0.14 13.28
CA CYS F 112 -22.06 -0.28 12.57
C CYS F 112 -22.04 -1.81 12.47
N PRO F 113 -22.86 -2.44 11.58
CA PRO F 113 -22.92 -3.90 11.54
C PRO F 113 -21.91 -4.53 10.61
N ASP F 114 -21.77 -5.88 10.70
CA ASP F 114 -20.95 -6.69 9.79
C ASP F 114 -21.82 -7.27 8.64
N ILE F 115 -23.14 -7.43 8.91
CA ILE F 115 -24.13 -7.98 7.99
C ILE F 115 -25.40 -7.15 8.05
N ILE F 116 -26.09 -6.92 6.91
CA ILE F 116 -27.37 -6.22 6.94
C ILE F 116 -28.38 -7.07 6.21
N PHE F 117 -29.57 -7.27 6.79
CA PHE F 117 -30.70 -7.87 6.07
C PHE F 117 -31.66 -6.75 5.70
N ILE F 118 -32.05 -6.69 4.44
CA ILE F 118 -33.08 -5.75 3.98
C ILE F 118 -34.33 -6.60 3.80
N PHE F 119 -35.42 -6.33 4.53
CA PHE F 119 -36.63 -7.13 4.33
C PHE F 119 -37.81 -6.18 4.07
N GLY F 120 -38.03 -5.88 2.81
CA GLY F 120 -39.07 -4.96 2.42
C GLY F 120 -39.62 -5.26 1.04
N ALA F 121 -40.57 -4.40 0.60
CA ALA F 121 -41.26 -4.41 -0.73
C ALA F 121 -42.68 -4.95 -0.61
N THR F 122 -43.06 -5.60 0.52
CA THR F 122 -44.42 -6.09 0.75
C THR F 122 -45.42 -4.94 0.74
N ASN F 123 -45.13 -3.85 1.46
CA ASN F 123 -46.04 -2.70 1.52
C ASN F 123 -46.08 -1.96 0.21
N ASP F 124 -44.98 -1.88 -0.56
CA ASP F 124 -45.03 -1.25 -1.90
C ASP F 124 -45.99 -2.03 -2.83
N CYS F 125 -45.96 -3.37 -2.69
CA CYS F 125 -46.78 -4.29 -3.47
C CYS F 125 -48.26 -4.08 -3.14
N TRP F 126 -48.64 -4.08 -1.84
CA TRP F 126 -50.04 -3.97 -1.44
C TRP F 126 -50.56 -2.54 -1.32
N ALA F 127 -49.67 -1.53 -1.25
CA ALA F 127 -50.11 -0.13 -1.28
C ALA F 127 -50.47 0.29 -2.67
N GLY F 128 -49.94 -0.42 -3.68
CA GLY F 128 -50.14 -0.08 -5.06
C GLY F 128 -49.22 1.05 -5.43
N SER F 129 -47.99 1.06 -4.86
CA SER F 129 -47.01 2.11 -5.19
C SER F 129 -46.66 2.00 -6.66
N PRO F 130 -46.55 3.13 -7.39
CA PRO F 130 -46.23 3.03 -8.81
C PRO F 130 -44.91 2.29 -9.00
N LEU F 131 -44.90 1.31 -9.92
CA LEU F 131 -43.71 0.51 -10.18
C LEU F 131 -42.54 1.35 -10.81
N GLY F 132 -42.87 2.27 -11.71
CA GLY F 132 -41.88 3.15 -12.35
C GLY F 132 -40.98 2.44 -13.34
N ASP F 133 -39.93 3.14 -13.79
CA ASP F 133 -38.93 2.62 -14.73
C ASP F 133 -37.66 2.28 -13.98
N TYR F 134 -36.85 1.34 -14.50
CA TYR F 134 -35.53 1.07 -13.92
C TYR F 134 -34.65 2.31 -14.09
N LYS F 135 -34.00 2.76 -13.00
CA LYS F 135 -33.12 3.93 -13.00
C LYS F 135 -31.94 3.64 -12.06
N TYR F 136 -30.70 3.66 -12.59
CA TYR F 136 -29.52 3.30 -11.81
C TYR F 136 -28.63 4.50 -11.49
N GLU F 137 -29.10 5.74 -11.76
CA GLU F 137 -28.37 6.97 -11.41
C GLU F 137 -29.25 8.20 -11.64
N GLY F 138 -28.83 9.35 -11.13
CA GLY F 138 -29.52 10.63 -11.31
C GLY F 138 -30.93 10.71 -10.74
N TRP F 139 -31.18 9.96 -9.68
CA TRP F 139 -32.50 9.89 -9.04
C TRP F 139 -32.95 11.27 -8.55
N THR F 140 -34.14 11.71 -8.97
CA THR F 140 -34.77 12.96 -8.53
C THR F 140 -35.74 12.63 -7.40
N LYS F 141 -36.31 13.66 -6.74
CA LYS F 141 -37.30 13.48 -5.67
C LYS F 141 -38.57 12.84 -6.24
N GLU F 142 -38.92 13.18 -7.50
CA GLU F 142 -40.09 12.63 -8.18
C GLU F 142 -39.91 11.13 -8.43
N ASP F 143 -38.71 10.71 -8.88
CA ASP F 143 -38.38 9.29 -9.12
C ASP F 143 -38.49 8.41 -7.89
N LEU F 144 -38.08 8.92 -6.70
CA LEU F 144 -38.08 8.12 -5.47
C LEU F 144 -39.48 7.92 -4.86
N TYR F 145 -40.55 8.42 -5.55
CA TYR F 145 -41.94 8.11 -5.21
C TYR F 145 -42.36 6.83 -5.94
N THR F 146 -41.55 6.29 -6.86
CA THR F 146 -41.85 5.06 -7.62
C THR F 146 -40.89 3.97 -7.14
N PHE F 147 -41.25 2.70 -7.36
CA PHE F 147 -40.54 1.53 -6.81
C PHE F 147 -39.14 1.24 -7.40
N ARG F 148 -39.02 0.99 -8.70
CA ARG F 148 -37.70 0.62 -9.24
C ARG F 148 -36.60 1.66 -8.95
N PRO F 149 -36.81 2.97 -9.20
CA PRO F 149 -35.77 3.93 -8.85
C PRO F 149 -35.42 3.93 -7.36
N ALA F 150 -36.39 3.74 -6.45
CA ALA F 150 -36.10 3.69 -5.01
C ALA F 150 -35.30 2.46 -4.64
N ALA F 152 -33.11 0.73 -6.43
CA ALA F 152 -31.76 0.95 -6.89
C ALA F 152 -31.09 2.03 -6.06
N TYR F 153 -31.80 3.13 -5.74
CA TYR F 153 -31.26 4.17 -4.88
C TYR F 153 -30.93 3.56 -3.49
N LEU F 154 -31.77 2.64 -2.97
CA LEU F 154 -31.53 1.97 -1.68
C LEU F 154 -30.22 1.18 -1.72
N LEU F 155 -30.07 0.27 -2.72
CA LEU F 155 -28.88 -0.59 -2.80
C LEU F 155 -27.63 0.19 -3.14
N ASP F 156 -27.73 1.16 -4.04
CA ASP F 156 -26.57 1.98 -4.39
C ASP F 156 -25.99 2.68 -3.16
N HIS F 157 -26.83 3.44 -2.46
CA HIS F 157 -26.45 4.22 -1.29
C HIS F 157 -26.01 3.36 -0.14
N ILE F 159 -24.56 0.26 -0.36
CA ILE F 159 -23.27 -0.34 -0.68
C ILE F 159 -22.15 0.65 -0.30
N ASP F 160 -22.35 1.96 -0.61
CA ASP F 160 -21.37 3.01 -0.31
C ASP F 160 -21.32 3.37 1.20
N ARG F 161 -22.50 3.36 1.88
CA ARG F 161 -22.64 3.74 3.28
C ARG F 161 -22.05 2.65 4.16
N TYR F 162 -22.14 1.37 3.72
CA TYR F 162 -21.71 0.22 4.51
C TYR F 162 -20.65 -0.57 3.77
N PRO F 163 -19.44 0.01 3.55
CA PRO F 163 -18.43 -0.74 2.80
C PRO F 163 -17.98 -2.02 3.53
N ASN F 164 -17.84 -3.10 2.75
CA ASN F 164 -17.41 -4.43 3.17
C ASN F 164 -18.39 -5.07 4.16
N VAL F 165 -19.68 -4.64 4.13
CA VAL F 165 -20.75 -5.21 4.96
C VAL F 165 -21.50 -6.13 4.04
N GLU F 166 -21.80 -7.37 4.49
CA GLU F 166 -22.56 -8.32 3.68
C GLU F 166 -24.02 -7.91 3.67
N ILE F 167 -24.60 -7.60 2.50
CA ILE F 167 -25.99 -7.16 2.39
C ILE F 167 -26.81 -8.24 1.67
N TYR F 168 -27.95 -8.60 2.27
CA TYR F 168 -28.86 -9.61 1.76
C TYR F 168 -30.25 -9.04 1.68
N PHE F 169 -30.87 -9.12 0.53
CA PHE F 169 -32.25 -8.72 0.39
C PHE F 169 -33.13 -9.94 0.63
N LEU F 170 -34.12 -9.84 1.52
CA LEU F 170 -35.08 -10.93 1.78
C LEU F 170 -36.36 -10.62 1.02
N LEU F 171 -36.78 -11.51 0.12
CA LEU F 171 -37.96 -11.24 -0.69
C LEU F 171 -39.10 -12.06 -0.13
N ASN F 172 -40.16 -11.39 0.32
CA ASN F 172 -41.33 -12.05 0.86
C ASN F 172 -42.00 -12.92 -0.23
N SER F 173 -42.65 -14.01 0.20
CA SER F 173 -43.39 -14.89 -0.67
C SER F 173 -44.78 -14.26 -0.86
N GLY F 174 -45.45 -14.63 -1.95
CA GLY F 174 -46.81 -14.18 -2.26
C GLY F 174 -46.98 -12.76 -2.75
N LEU F 175 -45.93 -12.10 -3.29
CA LEU F 175 -46.06 -10.74 -3.85
C LEU F 175 -46.32 -10.81 -5.34
N LYS F 176 -46.73 -9.67 -5.96
CA LYS F 176 -47.01 -9.62 -7.39
C LYS F 176 -45.70 -9.87 -8.14
N GLU F 177 -45.74 -10.56 -9.28
CA GLU F 177 -44.54 -10.91 -10.02
C GLU F 177 -43.77 -9.68 -10.53
N GLU F 178 -44.46 -8.54 -10.76
CA GLU F 178 -43.81 -7.31 -11.21
C GLU F 178 -42.85 -6.81 -10.14
N PHE F 179 -43.18 -7.03 -8.84
CA PHE F 179 -42.32 -6.64 -7.73
C PHE F 179 -41.21 -7.70 -7.55
N ASN F 180 -41.52 -8.99 -7.70
CA ASN F 180 -40.50 -10.06 -7.59
C ASN F 180 -39.42 -9.90 -8.61
N GLU F 181 -39.82 -9.66 -9.88
CA GLU F 181 -38.90 -9.51 -11.00
C GLU F 181 -38.10 -8.20 -10.87
N SER F 182 -38.75 -7.07 -10.50
CA SER F 182 -38.03 -5.80 -10.26
C SER F 182 -36.97 -5.95 -9.19
N VAL F 183 -37.32 -6.54 -8.02
CA VAL F 183 -36.39 -6.74 -6.87
C VAL F 183 -35.19 -7.60 -7.31
N ARG F 184 -35.49 -8.71 -8.00
CA ARG F 184 -34.49 -9.66 -8.50
C ARG F 184 -33.56 -9.00 -9.56
N ALA F 185 -34.11 -8.20 -10.49
CA ALA F 185 -33.27 -7.54 -11.48
C ALA F 185 -32.37 -6.46 -10.84
N ILE F 186 -32.91 -5.63 -9.94
CA ILE F 186 -32.14 -4.56 -9.31
C ILE F 186 -31.09 -5.16 -8.36
N CYS F 187 -31.39 -6.25 -7.63
CA CYS F 187 -30.40 -6.92 -6.77
C CYS F 187 -29.24 -7.46 -7.65
N ASN F 188 -29.55 -8.07 -8.82
CA ASN F 188 -28.56 -8.62 -9.75
C ASN F 188 -27.64 -7.52 -10.29
N HIS F 189 -28.19 -6.32 -10.59
CA HIS F 189 -27.42 -5.15 -11.05
C HIS F 189 -26.35 -4.76 -10.04
N TYR F 190 -26.71 -4.74 -8.77
CA TYR F 190 -25.81 -4.34 -7.70
C TYR F 190 -25.04 -5.52 -7.07
N ASN F 191 -25.16 -6.73 -7.63
CA ASN F 191 -24.46 -7.93 -7.14
C ASN F 191 -24.83 -8.23 -5.68
N ILE F 192 -26.10 -7.99 -5.29
CA ILE F 192 -26.62 -8.23 -3.93
C ILE F 192 -27.38 -9.54 -3.95
N ASP F 193 -27.15 -10.40 -2.96
CA ASP F 193 -27.90 -11.67 -2.85
C ASP F 193 -29.35 -11.37 -2.50
N CYS F 194 -30.27 -11.98 -3.23
CA CYS F 194 -31.71 -11.85 -3.03
C CYS F 194 -32.19 -13.20 -2.62
N ILE F 195 -32.59 -13.34 -1.34
CA ILE F 195 -33.06 -14.59 -0.76
C ILE F 195 -34.57 -14.64 -1.00
N GLU F 196 -35.02 -15.54 -1.95
CA GLU F 196 -36.42 -15.68 -2.32
C GLU F 196 -37.14 -16.63 -1.37
N LEU F 197 -37.92 -16.05 -0.46
CA LEU F 197 -38.69 -16.83 0.52
C LEU F 197 -39.87 -17.51 -0.20
N HIS F 198 -40.24 -18.72 0.25
CA HIS F 198 -41.36 -19.47 -0.33
C HIS F 198 -42.18 -20.13 0.75
N ASP F 199 -43.50 -20.20 0.52
CA ASP F 199 -44.45 -20.90 1.38
C ASP F 199 -44.32 -20.51 2.84
N ILE F 200 -44.26 -19.22 3.16
CA ILE F 200 -44.13 -18.77 4.55
C ILE F 200 -45.53 -18.80 5.17
N ASP F 201 -45.70 -19.55 6.26
CA ASP F 201 -47.01 -19.69 6.92
C ASP F 201 -47.38 -18.35 7.58
N LYS F 202 -48.56 -17.80 7.27
CA LYS F 202 -48.97 -16.48 7.78
C LYS F 202 -50.33 -16.49 8.50
N LYS F 203 -50.52 -15.52 9.39
CA LYS F 203 -51.76 -15.25 10.14
C LYS F 203 -51.95 -13.74 10.13
N SER F 204 -53.09 -13.21 9.60
CA SER F 204 -53.31 -11.76 9.45
C SER F 204 -52.29 -11.16 8.48
N GLY F 205 -51.92 -11.95 7.45
CA GLY F 205 -50.94 -11.58 6.44
C GLY F 205 -49.53 -11.40 6.96
N HIS F 206 -49.21 -11.86 8.18
CA HIS F 206 -47.89 -11.70 8.78
C HIS F 206 -47.36 -13.05 9.23
N PRO F 207 -46.05 -13.30 9.26
CA PRO F 207 -45.59 -14.63 9.70
C PRO F 207 -46.09 -15.08 11.09
N SER F 208 -46.46 -16.35 11.16
CA SER F 208 -46.81 -16.99 12.40
C SER F 208 -45.52 -17.49 13.06
N ILE F 209 -45.61 -18.25 14.19
CA ILE F 209 -44.42 -18.86 14.82
C ILE F 209 -43.72 -19.77 13.79
N LYS F 210 -44.53 -20.58 13.09
CA LYS F 210 -44.08 -21.50 12.04
C LYS F 210 -43.43 -20.72 10.90
N GLY F 211 -44.06 -19.63 10.47
CA GLY F 211 -43.56 -18.77 9.40
C GLY F 211 -42.24 -18.11 9.72
N GLU F 213 -40.02 -19.37 11.78
CA GLU F 213 -39.07 -20.47 11.75
C GLU F 213 -38.72 -20.82 10.30
N GLN F 214 -39.72 -20.86 9.41
CA GLN F 214 -39.46 -21.09 7.97
C GLN F 214 -38.54 -19.99 7.38
N ILE F 215 -38.77 -18.69 7.72
CA ILE F 215 -37.89 -17.60 7.24
C ILE F 215 -36.44 -17.84 7.70
N SER F 216 -36.24 -18.14 9.00
CA SER F 216 -34.89 -18.36 9.54
CA SER F 216 -34.87 -18.36 9.52
C SER F 216 -34.22 -19.59 8.91
N GLU F 217 -34.95 -20.70 8.74
CA GLU F 217 -34.38 -21.92 8.13
C GLU F 217 -34.09 -21.69 6.63
N GLN F 218 -34.90 -20.89 5.93
CA GLN F 218 -34.66 -20.59 4.51
C GLN F 218 -33.44 -19.70 4.37
N ILE F 219 -33.14 -18.80 5.37
CA ILE F 219 -31.94 -17.98 5.31
C ILE F 219 -30.73 -18.90 5.50
N LYS F 220 -30.79 -19.79 6.53
CA LYS F 220 -29.74 -20.78 6.81
C LYS F 220 -29.45 -21.65 5.57
N PHE F 222 -29.99 -20.84 2.34
CA PHE F 222 -29.36 -19.97 1.36
C PHE F 222 -27.89 -19.73 1.71
N ARG F 224 -25.79 -21.70 3.46
CA ARG F 224 -24.92 -22.85 3.15
C ARG F 224 -24.73 -23.08 1.61
N LYS F 225 -25.51 -22.37 0.77
CA LYS F 225 -25.41 -22.38 -0.68
C LYS F 225 -24.76 -21.03 -1.17
N THR F 226 -23.79 -20.47 -0.40
CA THR F 226 -23.19 -19.17 -0.76
C THR F 226 -21.83 -19.02 -0.02
#